data_6NPJ
#
_entry.id   6NPJ
#
_cell.length_a   1
_cell.length_b   1
_cell.length_c   1
_cell.angle_alpha   90
_cell.angle_beta   90
_cell.angle_gamma   90
#
_symmetry.space_group_name_H-M   'P 1'
#
_entity_poly.entity_id   1
_entity_poly.type   'polypeptide(L)'
_entity_poly.pdbx_seq_one_letter_code
;WGSSTQALTYHQALTHSLQLCGVADHIKTFRPQCLVMTGAPNSRPAILHLVHAFTKNVGLMLCGHVRISSRRPNFKELNS
DMLRYQRWLLNNNSKAFYTCVVAEDLRQGTQYMLQAAGLGRLRPNTLVIGFKNDWRIGDIKEVETYINLIHDAFDFQYGV
VILRLREGLDISHIQGQDDSSGMKDVVVSVDISKDSDGDSSKPSSKATSVQNSPAVQKDKKSPTVPLNVADQRLLDSQQF
QQKQGKGTVDVWWLFDDGGLTLLIPYLIANKKKWKDCKIRVFIGGKINRIDHDRRAMATLLSKFRIDFSDITVLGDINTK
PKSEGLTEFAEMIEPYKLREDDMEQEAAEKLKSEEPWRITANELELYKAKGNRQIRLNELLKEHSSTANLIVMSMPLARK
GAVSSALYMAWLDTLSKDLPPILLVRGNHQSVLTFYS
;
_entity_poly.pdbx_strand_id   C,B
#
# COMPACT_ATOMS: atom_id res chain seq x y z
N TRP A 1 -26.21 14.08 13.89
CA TRP A 1 -24.84 14.56 14.05
C TRP A 1 -24.71 16.00 13.56
N GLY A 2 -24.87 16.95 14.48
CA GLY A 2 -24.75 18.36 14.14
C GLY A 2 -23.32 18.85 14.14
N SER A 3 -22.55 18.49 13.12
CA SER A 3 -21.16 18.90 13.00
C SER A 3 -20.97 19.70 11.71
N SER A 4 -20.72 20.99 11.86
CA SER A 4 -20.36 21.83 10.73
C SER A 4 -18.85 22.12 10.69
N THR A 5 -18.07 21.49 11.56
CA THR A 5 -16.65 21.75 11.65
C THR A 5 -15.78 20.64 11.08
N GLN A 6 -16.37 19.74 10.26
CA GLN A 6 -15.61 18.62 9.72
C GLN A 6 -14.51 19.07 8.77
N ALA A 7 -14.73 20.19 8.06
CA ALA A 7 -13.70 20.72 7.19
C ALA A 7 -12.55 21.32 7.97
N LEU A 8 -12.74 21.61 9.25
CA LEU A 8 -11.63 22.04 10.06
C LEU A 8 -10.87 20.86 10.64
N THR A 9 -11.50 19.68 10.68
CA THR A 9 -10.78 18.51 11.13
C THR A 9 -10.01 17.86 10.00
N TYR A 10 -10.40 18.11 8.76
CA TYR A 10 -9.63 17.58 7.64
C TYR A 10 -8.28 18.27 7.59
N HIS A 11 -8.28 19.60 7.59
CA HIS A 11 -7.02 20.30 7.53
C HIS A 11 -6.26 20.21 8.84
N GLN A 12 -6.94 19.95 9.97
CA GLN A 12 -6.21 19.73 11.21
C GLN A 12 -5.48 18.39 11.16
N ALA A 13 -6.11 17.36 10.58
CA ALA A 13 -5.43 16.08 10.47
C ALA A 13 -4.34 16.11 9.39
N LEU A 14 -4.40 17.06 8.48
CA LEU A 14 -3.41 17.09 7.41
C LEU A 14 -2.20 17.95 7.73
N THR A 15 -2.38 19.07 8.43
CA THR A 15 -1.19 19.84 8.78
C THR A 15 -0.42 19.21 9.92
N HIS A 16 -1.06 18.34 10.70
CA HIS A 16 -0.29 17.69 11.75
C HIS A 16 0.47 16.50 11.20
N SER A 17 0.02 15.95 10.08
CA SER A 17 0.81 14.94 9.41
C SER A 17 2.02 15.60 8.75
N LEU A 18 1.85 16.82 8.25
CA LEU A 18 3.04 17.53 7.79
C LEU A 18 3.92 17.99 8.95
N GLN A 19 3.34 18.21 10.13
CA GLN A 19 4.12 18.51 11.33
C GLN A 19 5.02 17.34 11.69
N LEU A 20 4.45 16.13 11.70
CA LEU A 20 5.19 14.94 12.10
C LEU A 20 6.16 14.49 11.02
N CYS A 21 5.84 14.77 9.76
CA CYS A 21 6.72 14.40 8.67
C CYS A 21 8.00 15.22 8.69
N GLY A 22 7.93 16.46 9.17
CA GLY A 22 9.11 17.27 9.32
C GLY A 22 9.63 17.41 10.74
N VAL A 23 10.63 16.60 11.09
CA VAL A 23 11.32 16.71 12.36
C VAL A 23 12.81 16.50 12.09
N ALA A 24 13.61 16.63 13.14
CA ALA A 24 15.05 16.46 13.05
C ALA A 24 15.42 15.04 12.65
N ASP A 25 16.52 14.89 11.92
CA ASP A 25 16.95 13.51 11.55
C ASP A 25 17.40 12.72 12.79
N HIS A 26 18.05 13.38 13.75
CA HIS A 26 18.59 12.68 14.95
C HIS A 26 17.60 12.67 16.12
N ILE A 27 16.39 13.20 15.93
CA ILE A 27 15.37 13.23 17.04
C ILE A 27 14.46 12.00 16.94
N LYS A 28 14.81 11.05 16.07
CA LYS A 28 13.97 9.85 15.84
C LYS A 28 13.81 9.03 17.13
N THR A 29 12.60 8.53 17.37
CA THR A 29 12.26 7.69 18.55
C THR A 29 11.86 6.29 18.06
N PHE A 30 11.29 5.44 18.91
CA PHE A 30 10.90 4.15 18.35
C PHE A 30 9.44 4.14 17.91
N ARG A 31 8.52 4.40 18.86
CA ARG A 31 7.08 4.49 18.63
C ARG A 31 6.52 3.24 17.97
N PRO A 32 6.31 2.15 18.71
CA PRO A 32 5.93 0.87 18.09
C PRO A 32 4.59 0.88 17.35
N GLN A 33 4.65 0.82 16.03
CA GLN A 33 3.48 0.70 15.19
C GLN A 33 3.37 -0.72 14.69
N CYS A 34 2.16 -1.11 14.30
CA CYS A 34 1.99 -2.48 13.86
C CYS A 34 0.78 -2.62 12.97
N LEU A 35 0.91 -3.47 11.95
CA LEU A 35 -0.25 -3.92 11.22
C LEU A 35 -0.61 -5.30 11.73
N VAL A 36 -1.85 -5.44 12.14
CA VAL A 36 -2.39 -6.68 12.67
C VAL A 36 -3.10 -7.37 11.52
N MET A 37 -2.94 -8.68 11.43
CA MET A 37 -3.65 -9.43 10.38
C MET A 37 -4.84 -10.12 11.03
N THR A 38 -5.98 -9.41 11.03
CA THR A 38 -7.19 -9.89 11.66
C THR A 38 -8.17 -10.52 10.69
N GLY A 39 -8.09 -10.19 9.42
CA GLY A 39 -9.25 -10.51 8.61
C GLY A 39 -10.37 -9.53 8.91
N ALA A 40 -11.59 -10.01 8.77
CA ALA A 40 -12.74 -9.21 9.12
C ALA A 40 -12.79 -9.02 10.63
N PRO A 41 -12.76 -7.78 11.13
CA PRO A 41 -12.45 -7.54 12.55
C PRO A 41 -13.51 -8.01 13.52
N ASN A 42 -14.74 -8.29 13.09
CA ASN A 42 -15.70 -8.88 14.01
C ASN A 42 -15.35 -10.32 14.31
N SER A 43 -14.64 -10.98 13.40
CA SER A 43 -13.95 -12.21 13.70
C SER A 43 -12.53 -11.88 14.15
N ARG A 44 -11.88 -12.87 14.77
CA ARG A 44 -10.61 -12.75 15.48
C ARG A 44 -10.58 -11.55 16.43
N PRO A 45 -11.31 -11.57 17.55
CA PRO A 45 -11.30 -10.40 18.43
C PRO A 45 -10.30 -10.45 19.57
N ALA A 46 -9.61 -11.57 19.77
CA ALA A 46 -8.54 -11.57 20.76
C ALA A 46 -7.33 -10.85 20.22
N ILE A 47 -7.12 -10.91 18.91
CA ILE A 47 -5.99 -10.22 18.31
C ILE A 47 -6.23 -8.72 18.16
N LEU A 48 -7.47 -8.26 18.31
CA LEU A 48 -7.70 -6.83 18.51
C LEU A 48 -7.40 -6.42 19.94
N HIS A 49 -7.93 -7.18 20.90
CA HIS A 49 -7.90 -6.78 22.30
C HIS A 49 -6.53 -6.92 22.91
N LEU A 50 -5.73 -7.89 22.44
CA LEU A 50 -4.38 -8.00 22.95
C LEU A 50 -3.48 -6.90 22.41
N VAL A 51 -3.56 -6.63 21.10
CA VAL A 51 -2.73 -5.60 20.48
C VAL A 51 -3.36 -4.22 20.70
N HIS A 52 -4.44 -4.15 21.46
CA HIS A 52 -4.83 -2.87 22.03
C HIS A 52 -4.05 -2.54 23.29
N ALA A 53 -3.55 -3.57 23.98
CA ALA A 53 -2.97 -3.33 25.29
C ALA A 53 -1.61 -2.64 25.18
N PHE A 54 -0.76 -3.12 24.28
CA PHE A 54 0.29 -2.24 23.82
C PHE A 54 -0.22 -1.53 22.57
N THR A 55 0.53 -0.53 22.10
CA THR A 55 0.10 0.44 21.08
C THR A 55 -1.23 1.09 21.44
N LYS A 56 -1.32 1.57 22.68
CA LYS A 56 -2.41 2.43 23.12
C LYS A 56 -1.79 3.71 23.64
N ASN A 57 -2.21 4.85 23.08
CA ASN A 57 -1.69 6.19 23.29
C ASN A 57 -0.23 6.35 22.90
N VAL A 58 0.38 5.32 22.32
CA VAL A 58 1.82 5.29 22.16
C VAL A 58 2.20 4.83 20.75
N GLY A 59 1.24 4.30 20.01
CA GLY A 59 1.47 3.89 18.65
C GLY A 59 0.14 3.80 17.92
N LEU A 60 0.21 3.39 16.66
CA LEU A 60 -0.99 3.19 15.87
C LEU A 60 -1.17 1.71 15.61
N MET A 61 -2.42 1.30 15.44
CA MET A 61 -2.74 -0.08 15.13
C MET A 61 -3.51 -0.10 13.82
N LEU A 62 -3.05 -0.91 12.88
CA LEU A 62 -3.67 -0.97 11.56
C LEU A 62 -4.25 -2.35 11.38
N CYS A 63 -5.55 -2.45 11.14
CA CYS A 63 -6.22 -3.74 11.04
C CYS A 63 -6.31 -4.10 9.56
N GLY A 64 -5.43 -5.00 9.11
CA GLY A 64 -5.38 -5.36 7.72
C GLY A 64 -6.37 -6.46 7.40
N HIS A 65 -6.86 -6.46 6.16
CA HIS A 65 -7.83 -7.48 5.76
C HIS A 65 -7.65 -7.74 4.27
N VAL A 66 -6.89 -8.77 3.96
CA VAL A 66 -6.74 -9.25 2.59
C VAL A 66 -7.92 -10.13 2.21
N ARG A 67 -8.67 -9.69 1.20
CA ARG A 67 -9.84 -10.42 0.72
C ARG A 67 -9.35 -11.34 -0.41
N ILE A 68 -9.25 -12.62 -0.09
CA ILE A 68 -8.81 -13.62 -1.06
C ILE A 68 -9.96 -13.85 -2.01
N SER A 69 -9.82 -13.43 -3.26
CA SER A 69 -10.91 -13.57 -4.23
C SER A 69 -10.27 -13.70 -5.61
N SER A 70 -10.10 -14.96 -6.03
CA SER A 70 -9.40 -15.27 -7.26
C SER A 70 -10.18 -14.79 -8.47
N ARG A 71 -11.51 -14.86 -8.41
CA ARG A 71 -12.38 -14.44 -9.49
C ARG A 71 -13.32 -13.34 -9.00
N ARG A 72 -13.74 -12.49 -9.95
CA ARG A 72 -14.73 -11.43 -9.76
C ARG A 72 -14.44 -10.46 -8.62
N PRO A 73 -13.41 -9.63 -8.71
CA PRO A 73 -13.20 -8.63 -7.65
C PRO A 73 -14.21 -7.49 -7.77
N ASN A 74 -14.98 -7.27 -6.70
CA ASN A 74 -16.05 -6.28 -6.71
C ASN A 74 -15.59 -5.05 -5.95
N PHE A 75 -14.95 -4.12 -6.68
CA PHE A 75 -14.35 -2.97 -6.02
C PHE A 75 -15.37 -1.91 -5.61
N LYS A 76 -16.51 -1.84 -6.29
CA LYS A 76 -17.41 -0.71 -6.10
C LYS A 76 -18.30 -0.84 -4.88
N GLU A 77 -18.74 -2.05 -4.53
CA GLU A 77 -19.43 -2.23 -3.26
C GLU A 77 -18.48 -2.34 -2.08
N LEU A 78 -17.18 -2.50 -2.34
CA LEU A 78 -16.21 -2.71 -1.27
C LEU A 78 -16.02 -1.48 -0.42
N ASN A 79 -16.28 -0.29 -0.95
CA ASN A 79 -16.24 0.92 -0.14
C ASN A 79 -17.32 0.93 0.93
N SER A 80 -18.44 0.27 0.67
CA SER A 80 -19.44 0.08 1.71
C SER A 80 -19.05 -1.00 2.70
N ASP A 81 -18.08 -1.85 2.35
CA ASP A 81 -17.44 -2.74 3.31
C ASP A 81 -16.20 -2.14 3.95
N MET A 82 -15.82 -0.93 3.58
CA MET A 82 -14.79 -0.19 4.29
C MET A 82 -15.36 0.65 5.43
N LEU A 83 -16.41 1.43 5.13
CA LEU A 83 -16.97 2.31 6.14
C LEU A 83 -17.77 1.56 7.18
N ARG A 84 -18.28 0.37 6.83
CA ARG A 84 -19.04 -0.42 7.79
C ARG A 84 -18.11 -0.97 8.86
N TYR A 85 -16.99 -1.55 8.43
CA TYR A 85 -16.09 -2.15 9.38
C TYR A 85 -15.35 -1.09 10.17
N GLN A 86 -15.09 0.07 9.54
CA GLN A 86 -14.46 1.14 10.30
C GLN A 86 -15.41 1.70 11.35
N ARG A 87 -16.71 1.70 11.06
CA ARG A 87 -17.68 2.09 12.09
C ARG A 87 -17.77 1.03 13.17
N TRP A 88 -17.52 -0.22 12.82
CA TRP A 88 -17.49 -1.25 13.85
C TRP A 88 -16.28 -1.08 14.75
N LEU A 89 -15.16 -0.62 14.20
CA LEU A 89 -14.01 -0.32 15.04
C LEU A 89 -14.23 0.92 15.88
N LEU A 90 -15.08 1.82 15.42
CA LEU A 90 -15.28 3.06 16.17
C LEU A 90 -16.33 2.94 17.24
N ASN A 91 -17.32 2.07 17.06
CA ASN A 91 -18.37 1.91 18.06
C ASN A 91 -17.85 1.13 19.25
N ASN A 92 -16.97 0.17 19.03
CA ASN A 92 -16.15 -0.31 20.13
C ASN A 92 -15.10 0.75 20.45
N ASN A 93 -14.62 0.75 21.69
CA ASN A 93 -13.66 1.76 22.11
C ASN A 93 -12.26 1.38 21.64
N SER A 94 -12.05 1.56 20.33
CA SER A 94 -10.83 1.18 19.65
C SER A 94 -10.18 2.39 18.98
N LYS A 95 -8.88 2.28 18.74
CA LYS A 95 -8.08 3.33 18.13
C LYS A 95 -7.35 2.80 16.92
N ALA A 96 -8.06 2.07 16.06
CA ALA A 96 -7.44 1.34 14.97
C ALA A 96 -7.90 1.85 13.63
N PHE A 97 -7.03 1.75 12.65
CA PHE A 97 -7.41 2.01 11.28
C PHE A 97 -7.72 0.69 10.61
N TYR A 98 -8.15 0.73 9.36
CA TYR A 98 -8.59 -0.48 8.68
C TYR A 98 -8.39 -0.33 7.20
N THR A 99 -7.52 -1.15 6.63
CA THR A 99 -7.32 -1.18 5.19
C THR A 99 -7.50 -2.60 4.69
N CYS A 100 -8.32 -2.73 3.64
CA CYS A 100 -8.65 -4.04 3.05
C CYS A 100 -8.16 -4.03 1.60
N VAL A 101 -7.49 -5.11 1.20
CA VAL A 101 -7.00 -5.27 -0.15
C VAL A 101 -7.72 -6.44 -0.78
N VAL A 102 -7.54 -6.61 -2.09
CA VAL A 102 -8.10 -7.75 -2.82
C VAL A 102 -6.96 -8.45 -3.53
N ALA A 103 -6.82 -9.76 -3.30
CA ALA A 103 -5.83 -10.51 -4.05
C ALA A 103 -6.32 -11.94 -4.22
N GLU A 104 -5.43 -12.82 -4.68
CA GLU A 104 -5.78 -14.20 -4.94
C GLU A 104 -5.27 -15.16 -3.87
N ASP A 105 -4.36 -14.71 -3.01
CA ASP A 105 -3.92 -15.52 -1.88
C ASP A 105 -3.56 -14.58 -0.74
N LEU A 106 -3.19 -15.17 0.39
CA LEU A 106 -2.93 -14.38 1.59
C LEU A 106 -1.60 -13.65 1.52
N ARG A 107 -0.61 -14.21 0.84
CA ARG A 107 0.75 -13.65 0.87
C ARG A 107 0.87 -12.40 0.02
N GLN A 108 0.50 -12.48 -1.26
CA GLN A 108 0.66 -11.30 -2.09
C GLN A 108 -0.40 -10.26 -1.77
N GLY A 109 -1.44 -10.67 -1.04
CA GLY A 109 -2.40 -9.72 -0.52
C GLY A 109 -1.82 -8.83 0.56
N THR A 110 -1.01 -9.40 1.44
CA THR A 110 -0.43 -8.58 2.50
C THR A 110 0.92 -8.04 2.10
N GLN A 111 1.42 -8.41 0.92
CA GLN A 111 2.62 -7.74 0.42
C GLN A 111 2.33 -6.27 0.15
N TYR A 112 1.12 -5.97 -0.31
CA TYR A 112 0.69 -4.61 -0.61
C TYR A 112 0.72 -3.74 0.64
N MET A 113 0.32 -4.29 1.77
CA MET A 113 0.27 -3.53 3.01
C MET A 113 1.58 -3.55 3.77
N LEU A 114 2.64 -4.12 3.19
CA LEU A 114 3.95 -3.97 3.80
C LEU A 114 4.67 -2.74 3.27
N GLN A 115 4.79 -2.63 1.95
CA GLN A 115 5.58 -1.57 1.35
C GLN A 115 4.73 -0.42 0.81
N ALA A 116 3.47 -0.35 1.16
CA ALA A 116 2.66 0.78 0.70
C ALA A 116 1.66 1.31 1.71
N ALA A 117 1.60 0.80 2.93
CA ALA A 117 0.61 1.26 3.89
C ALA A 117 1.10 2.50 4.62
N GLY A 118 0.16 3.34 5.02
CA GLY A 118 0.45 4.51 5.81
C GLY A 118 1.04 5.65 5.00
N LEU A 119 1.06 6.83 5.61
CA LEU A 119 1.62 8.02 4.99
C LEU A 119 2.59 8.71 5.94
N GLY A 120 3.78 9.01 5.44
CA GLY A 120 4.74 9.76 6.23
C GLY A 120 5.40 8.89 7.26
N ARG A 121 5.48 9.38 8.49
CA ARG A 121 6.02 8.62 9.59
C ARG A 121 4.98 7.74 10.27
N LEU A 122 3.75 7.73 9.76
CA LEU A 122 2.71 6.85 10.27
C LEU A 122 2.66 5.56 9.45
N ARG A 123 3.76 4.87 9.46
CA ARG A 123 3.90 3.62 8.73
C ARG A 123 3.98 2.47 9.72
N PRO A 124 3.57 1.26 9.32
CA PRO A 124 3.66 0.12 10.24
C PRO A 124 5.10 -0.29 10.47
N ASN A 125 5.51 -0.28 11.73
CA ASN A 125 6.85 -0.70 12.10
C ASN A 125 6.95 -2.22 12.09
N THR A 126 6.00 -2.90 12.72
CA THR A 126 6.01 -4.35 12.84
C THR A 126 4.77 -4.96 12.20
N LEU A 127 4.80 -6.29 12.11
CA LEU A 127 3.68 -7.09 11.62
C LEU A 127 3.34 -8.11 12.69
N VAL A 128 2.08 -8.11 13.12
CA VAL A 128 1.61 -9.07 14.10
C VAL A 128 0.51 -9.90 13.47
N ILE A 129 0.71 -11.22 13.44
CA ILE A 129 -0.25 -12.15 12.87
C ILE A 129 -0.59 -13.22 13.89
N GLY A 130 -1.64 -13.96 13.59
CA GLY A 130 -2.00 -15.12 14.37
C GLY A 130 -1.28 -16.35 13.88
N PHE A 131 -1.30 -17.38 14.70
CA PHE A 131 -0.61 -18.62 14.37
C PHE A 131 -1.58 -19.54 13.63
N LYS A 132 -1.11 -20.10 12.53
CA LYS A 132 -1.89 -21.07 11.77
C LYS A 132 -1.97 -22.36 12.57
N ASN A 133 -3.13 -22.64 13.14
CA ASN A 133 -3.28 -23.85 13.94
C ASN A 133 -3.45 -25.09 13.08
N ASP A 134 -4.26 -25.00 12.03
CA ASP A 134 -4.63 -26.16 11.23
C ASP A 134 -3.71 -26.30 10.02
N TRP A 135 -2.41 -26.40 10.29
CA TRP A 135 -1.45 -26.50 9.20
C TRP A 135 -1.19 -27.93 8.77
N ARG A 136 -1.49 -28.91 9.61
CA ARG A 136 -1.28 -30.31 9.29
C ARG A 136 -2.53 -31.03 8.82
N ILE A 137 -3.72 -30.42 8.96
CA ILE A 137 -4.94 -31.16 8.71
C ILE A 137 -5.21 -31.29 7.21
N GLY A 138 -4.81 -30.31 6.42
CA GLY A 138 -5.06 -30.39 5.00
C GLY A 138 -4.43 -29.23 4.26
N ASP A 139 -4.16 -29.49 2.97
CA ASP A 139 -3.73 -28.51 1.97
C ASP A 139 -2.42 -27.83 2.41
N ILE A 140 -1.36 -28.64 2.40
CA ILE A 140 -0.04 -28.17 2.78
C ILE A 140 0.59 -27.24 1.76
N LYS A 141 0.00 -27.15 0.56
CA LYS A 141 0.18 -26.05 -0.40
C LYS A 141 0.24 -24.67 0.24
N GLU A 142 -0.78 -24.33 1.04
CA GLU A 142 -0.99 -22.95 1.44
C GLU A 142 -0.35 -22.65 2.78
N VAL A 143 0.58 -23.51 3.18
CA VAL A 143 1.52 -23.18 4.24
C VAL A 143 2.66 -22.41 3.61
N GLU A 144 2.87 -22.62 2.30
CA GLU A 144 3.93 -21.90 1.59
C GLU A 144 3.62 -20.43 1.44
N THR A 145 2.37 -20.05 1.52
CA THR A 145 2.07 -18.64 1.52
C THR A 145 2.30 -18.04 2.90
N TYR A 146 2.05 -18.81 3.96
CA TYR A 146 2.22 -18.26 5.31
C TYR A 146 3.68 -18.09 5.70
N ILE A 147 4.53 -19.07 5.38
CA ILE A 147 5.93 -18.98 5.80
C ILE A 147 6.69 -18.01 4.91
N ASN A 148 6.37 -17.98 3.62
CA ASN A 148 7.01 -16.99 2.78
C ASN A 148 6.45 -15.60 3.02
N LEU A 149 5.36 -15.48 3.78
CA LEU A 149 5.04 -14.18 4.34
C LEU A 149 5.95 -13.81 5.51
N ILE A 150 6.24 -14.77 6.39
CA ILE A 150 7.12 -14.52 7.53
C ILE A 150 8.50 -14.12 7.07
N HIS A 151 9.01 -14.81 6.04
CA HIS A 151 10.32 -14.49 5.51
C HIS A 151 10.31 -13.16 4.79
N ASP A 152 9.16 -12.73 4.32
CA ASP A 152 9.12 -11.46 3.64
C ASP A 152 8.99 -10.32 4.64
N ALA A 153 8.38 -10.57 5.81
CA ALA A 153 8.40 -9.53 6.82
C ALA A 153 9.79 -9.32 7.38
N PHE A 154 10.59 -10.37 7.44
CA PHE A 154 11.97 -10.24 7.88
C PHE A 154 12.86 -9.66 6.79
N ASP A 155 12.41 -9.61 5.54
CA ASP A 155 13.20 -9.01 4.48
C ASP A 155 13.03 -7.51 4.43
N PHE A 156 11.87 -7.00 4.83
CA PHE A 156 11.62 -5.56 4.84
C PHE A 156 12.07 -4.90 6.13
N GLN A 157 12.88 -5.59 6.94
CA GLN A 157 13.34 -5.14 8.27
C GLN A 157 12.17 -4.80 9.19
N TYR A 158 11.14 -5.62 9.16
CA TYR A 158 10.02 -5.50 10.08
C TYR A 158 10.25 -6.38 11.29
N GLY A 159 9.59 -6.05 12.38
CA GLY A 159 9.49 -6.96 13.51
C GLY A 159 8.30 -7.87 13.30
N VAL A 160 8.40 -9.10 13.77
CA VAL A 160 7.35 -10.08 13.59
C VAL A 160 6.85 -10.55 14.94
N VAL A 161 5.55 -10.48 15.15
CA VAL A 161 4.91 -11.05 16.33
C VAL A 161 3.89 -12.09 15.86
N ILE A 162 3.90 -13.25 16.50
CA ILE A 162 2.97 -14.33 16.21
C ILE A 162 2.24 -14.66 17.50
N LEU A 163 0.93 -14.55 17.49
CA LEU A 163 0.13 -14.85 18.68
C LEU A 163 -0.47 -16.23 18.54
N ARG A 164 -0.36 -17.05 19.59
CA ARG A 164 -0.98 -18.36 19.55
C ARG A 164 -1.75 -18.62 20.84
N LEU A 165 -3.03 -18.90 20.70
CA LEU A 165 -3.87 -19.45 21.75
C LEU A 165 -3.91 -20.96 21.60
N ARG A 166 -4.27 -21.66 22.69
CA ARG A 166 -4.36 -23.11 22.64
C ARG A 166 -5.49 -23.58 21.73
N GLU A 167 -6.59 -22.84 21.69
CA GLU A 167 -7.65 -23.03 20.73
C GLU A 167 -7.45 -22.04 19.58
N GLY A 168 -8.47 -21.91 18.74
CA GLY A 168 -8.36 -21.10 17.55
C GLY A 168 -8.59 -19.62 17.81
N LEU A 169 -8.33 -18.83 16.77
CA LEU A 169 -8.51 -17.38 16.81
C LEU A 169 -9.81 -16.92 16.16
N ASP A 170 -10.28 -17.65 15.15
CA ASP A 170 -11.39 -17.21 14.33
C ASP A 170 -12.73 -17.55 14.98
N ILE A 171 -13.72 -16.70 14.75
CA ILE A 171 -15.09 -16.92 15.19
C ILE A 171 -16.00 -16.71 13.99
N SER A 172 -16.40 -17.79 13.34
CA SER A 172 -17.46 -17.73 12.33
C SER A 172 -18.24 -19.04 12.39
N HIS A 173 -19.30 -19.05 13.18
CA HIS A 173 -20.04 -20.27 13.47
C HIS A 173 -21.10 -20.56 12.43
N LEU A 227 -22.06 -27.24 19.95
CA LEU A 227 -22.42 -25.99 20.63
C LEU A 227 -21.53 -25.76 21.83
N ASN A 228 -21.53 -26.70 22.77
CA ASN A 228 -20.70 -26.55 23.95
C ASN A 228 -19.23 -26.86 23.70
N VAL A 229 -18.92 -27.48 22.57
CA VAL A 229 -17.53 -27.50 22.11
C VAL A 229 -17.15 -26.16 21.51
N ALA A 230 -18.12 -25.41 20.98
CA ALA A 230 -17.91 -24.05 20.53
C ALA A 230 -18.07 -23.03 21.66
N ASP A 231 -18.55 -23.45 22.83
CA ASP A 231 -18.55 -22.56 23.99
C ASP A 231 -17.14 -22.37 24.51
N GLN A 232 -16.26 -23.34 24.25
CA GLN A 232 -14.83 -23.19 24.53
C GLN A 232 -14.21 -22.09 23.67
N ARG A 233 -14.72 -21.90 22.46
CA ARG A 233 -14.16 -20.88 21.58
C ARG A 233 -14.54 -19.48 22.03
N LEU A 234 -15.84 -19.23 22.25
CA LEU A 234 -16.35 -17.85 22.50
C LEU A 234 -15.92 -17.14 23.80
N LEU A 235 -16.04 -17.74 24.99
CA LEU A 235 -15.56 -17.04 26.18
C LEU A 235 -14.04 -16.93 26.17
N ASP A 236 -13.35 -17.98 25.71
CA ASP A 236 -11.90 -17.96 25.72
C ASP A 236 -11.31 -17.11 24.61
N SER A 237 -12.13 -16.62 23.67
CA SER A 237 -11.68 -15.54 22.79
C SER A 237 -11.90 -14.17 23.38
N GLN A 238 -12.98 -13.96 24.13
CA GLN A 238 -13.18 -12.75 24.91
C GLN A 238 -12.57 -12.93 26.31
N GLN A 239 -11.26 -13.08 26.33
CA GLN A 239 -10.53 -13.30 27.55
C GLN A 239 -9.51 -12.21 27.86
N PHE A 240 -9.32 -11.25 26.96
CA PHE A 240 -8.30 -10.22 27.17
C PHE A 240 -8.86 -8.84 27.44
N GLN A 241 -10.05 -8.50 26.93
CA GLN A 241 -10.52 -7.14 27.10
C GLN A 241 -11.05 -6.92 28.51
N GLN A 242 -11.77 -7.89 29.07
CA GLN A 242 -12.25 -7.76 30.43
C GLN A 242 -11.39 -8.64 31.32
N LYS A 243 -11.78 -8.67 32.61
CA LYS A 243 -11.61 -9.74 33.60
C LYS A 243 -10.21 -10.38 33.64
N GLN A 244 -9.21 -9.60 34.02
CA GLN A 244 -7.87 -10.12 34.27
C GLN A 244 -7.58 -10.12 35.76
N GLY A 245 -7.35 -11.29 36.33
CA GLY A 245 -7.10 -11.42 37.75
C GLY A 245 -5.62 -11.26 38.08
N LYS A 246 -5.21 -11.91 39.17
CA LYS A 246 -3.82 -11.85 39.61
C LYS A 246 -3.06 -13.07 39.11
N GLY A 247 -1.87 -12.84 38.55
CA GLY A 247 -1.10 -13.89 37.93
C GLY A 247 0.30 -13.46 37.54
N THR A 248 0.75 -13.87 36.36
CA THR A 248 2.15 -13.70 35.96
C THR A 248 2.24 -13.58 34.44
N VAL A 249 3.02 -12.61 33.96
CA VAL A 249 3.37 -12.47 32.55
C VAL A 249 4.88 -12.62 32.45
N ASP A 250 5.35 -13.82 32.14
CA ASP A 250 6.78 -14.12 32.20
C ASP A 250 7.37 -14.20 30.80
N VAL A 251 8.58 -13.67 30.65
CA VAL A 251 9.24 -13.55 29.37
C VAL A 251 10.42 -14.51 29.34
N TRP A 252 10.96 -14.72 28.14
CA TRP A 252 12.12 -15.60 27.94
C TRP A 252 13.10 -14.88 27.02
N TRP A 253 13.97 -14.07 27.60
CA TRP A 253 14.98 -13.35 26.82
C TRP A 253 16.03 -14.35 26.37
N LEU A 254 16.00 -14.73 25.10
CA LEU A 254 16.93 -15.72 24.57
C LEU A 254 17.67 -15.27 23.32
N PHE A 255 17.52 -14.01 22.91
CA PHE A 255 18.26 -13.52 21.75
C PHE A 255 18.81 -12.14 22.06
N ASP A 256 20.08 -11.93 21.70
CA ASP A 256 20.78 -10.72 22.11
C ASP A 256 20.30 -9.51 21.32
N ASP A 257 20.04 -9.68 20.03
CA ASP A 257 19.52 -8.62 19.17
C ASP A 257 18.01 -8.71 19.04
N GLY A 258 17.33 -9.12 20.11
CA GLY A 258 15.89 -9.13 20.14
C GLY A 258 15.34 -7.72 20.09
N GLY A 259 15.57 -6.94 21.13
CA GLY A 259 15.07 -5.58 21.13
C GLY A 259 13.66 -5.44 21.67
N LEU A 260 12.69 -5.52 20.74
CA LEU A 260 11.27 -5.33 21.01
C LEU A 260 10.73 -6.28 22.07
N THR A 261 11.33 -7.48 22.20
CA THR A 261 10.76 -8.55 23.02
C THR A 261 10.75 -8.25 24.51
N LEU A 262 11.40 -7.18 24.96
CA LEU A 262 11.25 -6.69 26.32
C LEU A 262 10.36 -5.47 26.38
N LEU A 263 10.24 -4.72 25.28
CA LEU A 263 9.38 -3.55 25.27
C LEU A 263 7.91 -3.94 25.30
N ILE A 264 7.56 -5.06 24.67
CA ILE A 264 6.16 -5.52 24.64
C ILE A 264 5.65 -5.93 26.03
N PRO A 265 6.35 -6.72 26.86
CA PRO A 265 5.81 -6.99 28.19
C PRO A 265 5.86 -5.80 29.12
N TYR A 266 6.67 -4.79 28.82
CA TYR A 266 6.64 -3.60 29.66
C TYR A 266 5.37 -2.82 29.38
N LEU A 267 5.02 -2.68 28.10
CA LEU A 267 3.89 -1.84 27.73
C LEU A 267 2.57 -2.50 28.09
N ILE A 268 2.54 -3.84 28.08
CA ILE A 268 1.27 -4.49 28.37
C ILE A 268 1.01 -4.60 29.88
N ALA A 269 2.06 -4.61 30.70
CA ALA A 269 1.86 -4.70 32.15
C ALA A 269 1.59 -3.36 32.80
N ASN A 270 1.87 -2.25 32.11
CA ASN A 270 1.51 -0.93 32.62
C ASN A 270 0.13 -0.49 32.15
N LYS A 271 -0.86 -1.34 32.35
CA LYS A 271 -2.21 -1.09 31.86
C LYS A 271 -3.20 -1.29 33.00
N LYS A 272 -4.46 -0.97 32.72
CA LYS A 272 -5.51 -1.06 33.73
C LYS A 272 -5.78 -2.50 34.14
N LYS A 273 -5.56 -3.46 33.28
CA LYS A 273 -5.95 -4.80 33.64
C LYS A 273 -4.81 -5.66 34.16
N TRP A 274 -3.58 -5.24 33.93
CA TRP A 274 -2.43 -6.09 34.14
C TRP A 274 -1.48 -5.62 35.23
N LYS A 275 -1.84 -4.64 36.05
CA LYS A 275 -0.83 -4.18 36.99
C LYS A 275 -0.78 -5.00 38.27
N ASP A 276 -1.69 -5.96 38.44
CA ASP A 276 -1.47 -7.05 39.38
C ASP A 276 -0.89 -8.28 38.66
N CYS A 277 0.23 -8.09 37.98
CA CYS A 277 0.89 -9.19 37.30
C CYS A 277 2.39 -8.97 37.25
N LYS A 278 3.14 -10.03 37.51
CA LYS A 278 4.57 -9.95 37.75
C LYS A 278 5.28 -10.31 36.46
N ILE A 279 6.37 -9.61 36.17
CA ILE A 279 7.19 -9.90 35.01
C ILE A 279 8.40 -10.71 35.45
N ARG A 280 8.41 -12.00 35.14
CA ARG A 280 9.49 -12.91 35.53
C ARG A 280 10.38 -13.15 34.32
N VAL A 281 11.50 -12.44 34.25
CA VAL A 281 12.44 -12.61 33.17
C VAL A 281 13.15 -13.94 33.34
N PHE A 282 13.09 -14.79 32.32
CA PHE A 282 13.90 -15.99 32.27
C PHE A 282 14.97 -15.78 31.21
N ILE A 283 16.11 -16.45 31.39
CA ILE A 283 17.26 -16.23 30.52
C ILE A 283 18.16 -17.46 30.54
N GLY A 284 18.59 -17.89 29.35
CA GLY A 284 19.69 -18.82 29.23
C GLY A 284 20.98 -18.08 28.92
N GLY A 285 22.04 -18.46 29.62
CA GLY A 285 23.32 -17.79 29.45
C GLY A 285 24.48 -18.73 29.70
N LYS A 286 25.47 -18.25 30.46
CA LYS A 286 26.67 -19.02 30.72
C LYS A 286 26.38 -20.13 31.72
N ILE A 287 27.41 -20.89 32.06
CA ILE A 287 27.26 -22.03 32.94
C ILE A 287 27.96 -21.83 34.28
N ASN A 288 29.11 -21.15 34.30
CA ASN A 288 29.92 -21.15 35.52
C ASN A 288 29.54 -19.99 36.43
N ARG A 289 29.51 -18.77 35.92
CA ARG A 289 29.13 -17.63 36.73
C ARG A 289 27.65 -17.33 36.57
N ILE A 290 26.94 -17.27 37.69
CA ILE A 290 25.50 -17.08 37.72
C ILE A 290 25.12 -15.74 38.33
N ASP A 291 25.84 -15.32 39.38
CA ASP A 291 25.55 -14.06 40.06
C ASP A 291 25.76 -12.86 39.14
N HIS A 292 26.75 -12.93 38.27
CA HIS A 292 27.11 -11.73 37.53
C HIS A 292 26.43 -11.68 36.19
N ASP A 293 25.99 -12.82 35.65
CA ASP A 293 25.15 -12.75 34.45
C ASP A 293 23.76 -12.24 34.80
N ARG A 294 23.26 -12.59 35.99
CA ARG A 294 22.08 -11.93 36.55
C ARG A 294 22.31 -10.45 36.79
N ARG A 295 23.52 -10.07 37.20
CA ARG A 295 23.82 -8.64 37.31
C ARG A 295 23.87 -7.97 35.95
N ALA A 296 24.40 -8.66 34.94
CA ALA A 296 24.51 -8.11 33.60
C ALA A 296 23.14 -7.97 32.98
N MET A 297 22.19 -8.82 33.35
CA MET A 297 20.84 -8.62 32.87
C MET A 297 20.12 -7.56 33.69
N ALA A 298 20.53 -7.37 34.95
CA ALA A 298 19.84 -6.45 35.83
C ALA A 298 20.07 -5.01 35.40
N THR A 299 21.28 -4.69 34.92
CA THR A 299 21.53 -3.33 34.44
C THR A 299 20.70 -3.02 33.19
N LEU A 300 20.54 -4.00 32.29
CA LEU A 300 19.76 -3.79 31.09
C LEU A 300 18.29 -3.66 31.43
N LEU A 301 17.82 -4.46 32.40
CA LEU A 301 16.42 -4.37 32.81
C LEU A 301 16.15 -3.08 33.57
N SER A 302 17.19 -2.50 34.19
CA SER A 302 17.04 -1.18 34.78
C SER A 302 16.93 -0.11 33.71
N LYS A 303 17.50 -0.37 32.53
CA LYS A 303 17.34 0.59 31.44
C LYS A 303 15.93 0.55 30.87
N PHE A 304 15.31 -0.62 30.83
CA PHE A 304 13.96 -0.78 30.29
C PHE A 304 12.87 -0.52 31.31
N ARG A 305 13.24 -0.16 32.55
CA ARG A 305 12.40 0.11 33.73
C ARG A 305 11.21 -0.82 33.89
N ILE A 306 11.45 -2.12 33.68
CA ILE A 306 10.38 -3.11 33.68
C ILE A 306 9.89 -3.42 35.10
N ASP A 307 10.78 -3.32 36.10
CA ASP A 307 10.50 -3.60 37.52
C ASP A 307 10.01 -5.04 37.70
N PHE A 308 10.93 -5.94 37.41
CA PHE A 308 10.70 -7.37 37.35
C PHE A 308 10.56 -7.98 38.75
N SER A 309 10.34 -9.30 38.79
CA SER A 309 10.31 -10.06 40.03
C SER A 309 11.62 -10.82 40.26
N ASP A 310 12.08 -11.57 39.25
CA ASP A 310 13.36 -12.26 39.32
C ASP A 310 13.91 -12.49 37.92
N ILE A 311 15.22 -12.66 37.84
CA ILE A 311 15.89 -12.97 36.59
C ILE A 311 16.49 -14.37 36.79
N THR A 312 15.77 -15.39 36.34
CA THR A 312 16.19 -16.76 36.54
C THR A 312 17.10 -17.20 35.40
N VAL A 313 18.30 -17.68 35.74
CA VAL A 313 19.26 -18.14 34.77
C VAL A 313 19.19 -19.66 34.69
N LEU A 314 19.06 -20.18 33.48
CA LEU A 314 18.96 -21.61 33.24
C LEU A 314 20.27 -22.13 32.65
N GLY A 315 20.44 -23.45 32.69
CA GLY A 315 21.66 -24.05 32.22
C GLY A 315 21.49 -25.40 31.56
N ASP A 316 20.27 -25.67 31.09
CA ASP A 316 19.94 -26.95 30.47
C ASP A 316 19.22 -26.74 29.15
N ILE A 317 19.61 -25.72 28.40
CA ILE A 317 19.09 -25.49 27.06
C ILE A 317 20.08 -26.08 26.05
N ASN A 318 19.52 -26.55 24.93
CA ASN A 318 20.17 -27.38 23.89
C ASN A 318 21.14 -28.41 24.47
N THR A 319 20.66 -29.18 25.46
CA THR A 319 21.41 -30.31 25.98
C THR A 319 20.71 -31.64 25.71
N LYS A 320 19.47 -31.82 26.17
CA LYS A 320 18.92 -33.16 26.24
C LYS A 320 17.40 -33.17 26.09
N PRO A 321 16.87 -33.59 24.94
CA PRO A 321 15.41 -33.67 24.77
C PRO A 321 14.75 -34.89 25.41
N LYS A 322 15.54 -35.81 25.99
CA LYS A 322 15.10 -36.84 26.95
C LYS A 322 14.25 -37.91 26.25
N SER A 323 14.43 -38.04 24.92
CA SER A 323 13.94 -39.16 24.10
C SER A 323 12.41 -39.28 24.10
N GLU A 324 11.71 -38.18 24.38
CA GLU A 324 10.26 -38.18 24.52
C GLU A 324 9.55 -37.55 23.33
N GLY A 325 9.91 -36.31 22.98
CA GLY A 325 9.19 -35.57 21.97
C GLY A 325 9.68 -35.79 20.56
N LEU A 326 10.87 -36.37 20.41
CA LEU A 326 11.37 -36.71 19.09
C LEU A 326 10.56 -37.82 18.45
N THR A 327 9.96 -38.68 19.27
CA THR A 327 9.00 -39.65 18.77
C THR A 327 7.75 -38.96 18.23
N GLU A 328 7.38 -37.82 18.79
CA GLU A 328 6.24 -37.05 18.28
C GLU A 328 6.65 -36.08 17.18
N PHE A 329 7.87 -35.58 17.24
CA PHE A 329 8.33 -34.64 16.22
C PHE A 329 8.59 -35.35 14.90
N ALA A 330 9.08 -36.59 14.95
CA ALA A 330 9.37 -37.29 13.71
C ALA A 330 8.08 -37.73 13.02
N GLU A 331 7.06 -38.12 13.78
CA GLU A 331 5.79 -38.46 13.15
C GLU A 331 5.00 -37.22 12.79
N MET A 332 5.38 -36.06 13.31
CA MET A 332 4.77 -34.82 12.85
C MET A 332 5.19 -34.50 11.41
N ILE A 333 6.46 -34.68 11.10
CA ILE A 333 6.99 -34.43 9.78
C ILE A 333 7.05 -35.71 8.93
N GLU A 334 6.30 -36.74 9.33
CA GLU A 334 6.30 -38.01 8.61
C GLU A 334 5.85 -37.91 7.15
N PRO A 335 4.77 -37.21 6.77
CA PRO A 335 4.47 -37.10 5.34
C PRO A 335 5.26 -36.03 4.61
N TYR A 336 6.26 -35.42 5.24
CA TYR A 336 7.07 -34.38 4.62
C TYR A 336 8.54 -34.76 4.47
N LYS A 337 8.95 -35.93 4.96
CA LYS A 337 10.35 -36.35 4.90
C LYS A 337 10.75 -36.59 3.45
N LEU A 338 11.54 -35.68 2.89
CA LEU A 338 11.82 -35.51 1.46
C LEU A 338 10.58 -35.29 0.62
N ARG A 339 9.45 -35.01 1.24
CA ARG A 339 8.26 -34.45 0.61
C ARG A 339 8.04 -33.03 1.05
N GLU A 340 9.09 -32.36 1.53
CA GLU A 340 9.02 -30.97 1.97
C GLU A 340 8.48 -30.14 0.82
N ASP A 341 7.52 -29.27 1.12
CA ASP A 341 6.75 -28.65 0.06
C ASP A 341 7.57 -27.58 -0.65
N ASP A 342 8.02 -27.94 -1.84
CA ASP A 342 8.71 -27.09 -2.79
C ASP A 342 8.61 -27.93 -4.04
N MET A 343 7.74 -27.53 -4.97
CA MET A 343 7.52 -28.32 -6.18
C MET A 343 8.77 -28.41 -7.05
N GLU A 344 9.51 -27.31 -7.20
CA GLU A 344 10.71 -27.33 -8.03
C GLU A 344 11.77 -28.27 -7.48
N GLN A 345 12.01 -28.25 -6.16
CA GLN A 345 12.99 -29.13 -5.55
C GLN A 345 12.54 -30.58 -5.68
N GLU A 346 11.22 -30.82 -5.49
CA GLU A 346 10.62 -32.14 -5.57
C GLU A 346 10.79 -32.71 -6.96
N ALA A 347 10.60 -31.89 -7.98
CA ALA A 347 10.77 -32.36 -9.33
C ALA A 347 12.26 -32.58 -9.62
N ALA A 348 13.10 -31.69 -9.08
CA ALA A 348 14.54 -31.68 -9.32
C ALA A 348 15.28 -32.93 -8.86
N GLU A 349 14.88 -33.53 -7.73
CA GLU A 349 15.57 -34.72 -7.18
C GLU A 349 15.80 -35.85 -8.19
N LYS A 350 14.88 -36.03 -9.17
CA LYS A 350 14.98 -37.16 -10.09
C LYS A 350 16.19 -37.10 -11.02
N LEU A 351 16.90 -35.96 -11.10
CA LEU A 351 18.20 -35.94 -11.78
C LEU A 351 19.33 -36.44 -10.91
N LYS A 352 19.07 -36.80 -9.67
CA LYS A 352 20.14 -37.30 -8.82
C LYS A 352 19.78 -38.62 -8.17
N SER A 353 18.49 -38.87 -7.93
CA SER A 353 18.08 -40.11 -7.30
C SER A 353 16.63 -40.41 -7.66
N GLU A 354 16.27 -41.68 -7.54
CA GLU A 354 14.89 -42.13 -7.66
C GLU A 354 14.26 -42.42 -6.30
N GLU A 355 15.04 -42.95 -5.36
CA GLU A 355 14.65 -42.96 -3.96
C GLU A 355 15.07 -41.64 -3.35
N PRO A 356 14.14 -40.76 -2.96
CA PRO A 356 14.55 -39.41 -2.54
C PRO A 356 15.19 -39.38 -1.16
N TRP A 357 14.86 -40.33 -0.30
CA TRP A 357 15.28 -40.32 1.10
C TRP A 357 16.72 -40.85 1.25
N ARG A 358 17.65 -40.23 0.54
CA ARG A 358 19.06 -40.55 0.72
C ARG A 358 19.88 -39.36 1.16
N ILE A 359 19.26 -38.18 1.31
CA ILE A 359 19.95 -36.96 1.71
C ILE A 359 19.13 -36.34 2.84
N THR A 360 19.81 -35.85 3.87
CA THR A 360 19.15 -35.38 5.08
C THR A 360 19.69 -34.00 5.46
N ALA A 361 20.39 -33.34 4.53
CA ALA A 361 21.12 -32.11 4.83
C ALA A 361 20.18 -30.96 5.17
N ASN A 362 19.11 -30.79 4.41
CA ASN A 362 18.08 -29.84 4.79
C ASN A 362 17.34 -30.34 6.03
N GLU A 363 17.20 -31.65 6.16
CA GLU A 363 16.18 -32.22 7.04
C GLU A 363 16.67 -32.33 8.49
N LEU A 364 17.71 -33.11 8.73
CA LEU A 364 18.26 -33.26 10.07
C LEU A 364 19.78 -33.18 10.13
N GLU A 365 20.48 -33.43 9.02
CA GLU A 365 21.92 -33.63 9.06
C GLU A 365 22.69 -32.35 9.36
N LEU A 366 22.11 -31.19 9.04
CA LEU A 366 22.76 -29.91 9.29
C LEU A 366 22.08 -29.10 10.37
N TYR A 367 20.94 -29.53 10.88
CA TYR A 367 20.16 -28.80 11.88
C TYR A 367 19.74 -29.73 13.00
N LYS A 368 20.72 -30.43 13.57
CA LYS A 368 20.54 -31.25 14.77
C LYS A 368 20.05 -30.42 15.94
N ALA A 369 20.91 -29.52 16.43
CA ALA A 369 20.61 -28.83 17.67
C ALA A 369 19.62 -27.70 17.48
N LYS A 370 19.35 -27.28 16.25
CA LYS A 370 18.27 -26.34 16.01
C LYS A 370 16.92 -26.99 16.24
N GLY A 371 16.78 -28.23 15.79
CA GLY A 371 15.55 -28.96 16.01
C GLY A 371 15.45 -29.44 17.45
N ASN A 372 16.58 -29.84 18.03
CA ASN A 372 16.55 -30.33 19.40
C ASN A 372 16.40 -29.23 20.43
N ARG A 373 16.65 -27.98 20.05
CA ARG A 373 16.49 -26.87 20.98
C ARG A 373 15.03 -26.62 21.30
N GLN A 374 14.16 -26.65 20.29
CA GLN A 374 12.75 -26.34 20.50
C GLN A 374 12.05 -27.43 21.31
N ILE A 375 12.44 -28.70 21.08
CA ILE A 375 11.93 -29.79 21.89
C ILE A 375 12.48 -29.69 23.31
N ARG A 376 13.69 -29.16 23.47
CA ARG A 376 14.17 -28.92 24.83
C ARG A 376 13.40 -27.78 25.48
N LEU A 377 13.06 -26.76 24.69
CA LEU A 377 12.41 -25.56 25.22
C LEU A 377 10.97 -25.80 25.60
N ASN A 378 10.33 -26.84 25.05
CA ASN A 378 8.90 -27.00 25.29
C ASN A 378 8.63 -27.47 26.72
N GLU A 379 9.41 -28.44 27.20
CA GLU A 379 9.23 -28.87 28.59
C GLU A 379 9.73 -27.82 29.57
N LEU A 380 10.68 -26.97 29.15
CA LEU A 380 11.04 -25.85 30.00
C LEU A 380 9.93 -24.81 30.05
N LEU A 381 9.16 -24.69 28.97
CA LEU A 381 7.99 -23.82 28.99
C LEU A 381 6.90 -24.39 29.86
N LYS A 382 6.85 -25.71 29.99
CA LYS A 382 5.72 -26.32 30.69
C LYS A 382 5.99 -26.45 32.18
N GLU A 383 7.20 -26.84 32.57
CA GLU A 383 7.52 -27.02 33.98
C GLU A 383 7.78 -25.71 34.72
N HIS A 384 7.86 -24.58 34.02
CA HIS A 384 8.08 -23.30 34.66
C HIS A 384 7.01 -22.25 34.37
N SER A 385 6.29 -22.36 33.26
CA SER A 385 5.25 -21.40 32.90
C SER A 385 3.93 -22.12 32.65
N SER A 386 3.53 -22.94 33.62
CA SER A 386 2.29 -23.70 33.52
C SER A 386 1.09 -22.77 33.55
N THR A 387 0.92 -22.06 34.65
CA THR A 387 -0.18 -21.11 34.81
C THR A 387 0.41 -19.71 34.77
N ALA A 388 0.52 -19.17 33.57
CA ALA A 388 0.91 -17.80 33.32
C ALA A 388 -0.16 -17.15 32.46
N ASN A 389 -0.11 -15.82 32.37
CA ASN A 389 -1.07 -15.14 31.52
C ASN A 389 -0.56 -15.05 30.09
N LEU A 390 0.69 -14.67 29.91
CA LEU A 390 1.32 -14.70 28.60
C LEU A 390 2.69 -15.34 28.71
N ILE A 391 3.26 -15.65 27.56
CA ILE A 391 4.65 -16.08 27.46
C ILE A 391 5.22 -15.29 26.29
N VAL A 392 6.10 -14.34 26.59
CA VAL A 392 6.74 -13.54 25.57
C VAL A 392 8.07 -14.22 25.26
N MET A 393 8.11 -14.94 24.15
CA MET A 393 9.21 -15.84 23.84
C MET A 393 9.88 -15.38 22.56
N SER A 394 11.22 -15.47 22.54
CA SER A 394 12.01 -15.10 21.34
C SER A 394 11.64 -16.09 20.24
N MET A 395 11.64 -15.64 18.99
CA MET A 395 11.13 -16.43 17.91
C MET A 395 12.27 -17.01 17.10
N PRO A 396 12.30 -18.32 16.85
CA PRO A 396 13.39 -18.90 16.06
C PRO A 396 13.27 -18.51 14.60
N LEU A 397 14.35 -17.93 14.07
CA LEU A 397 14.41 -17.55 12.67
C LEU A 397 15.46 -18.37 11.95
N ALA A 398 15.05 -19.04 10.89
CA ALA A 398 15.94 -19.79 10.03
C ALA A 398 16.13 -19.04 8.73
N ARG A 399 17.25 -19.31 8.07
CA ARG A 399 17.58 -18.64 6.82
C ARG A 399 16.76 -19.23 5.68
N LYS A 400 16.30 -18.35 4.78
CA LYS A 400 15.49 -18.76 3.65
C LYS A 400 16.28 -19.60 2.66
N GLY A 401 15.61 -20.54 2.02
CA GLY A 401 16.23 -21.34 0.98
C GLY A 401 16.99 -22.55 1.44
N ALA A 402 17.89 -22.37 2.42
CA ALA A 402 18.59 -23.49 3.00
C ALA A 402 17.68 -24.35 3.87
N VAL A 403 16.63 -23.76 4.44
CA VAL A 403 15.70 -24.47 5.30
C VAL A 403 14.36 -24.54 4.60
N SER A 404 13.68 -25.68 4.75
CA SER A 404 12.37 -25.83 4.15
C SER A 404 11.32 -25.09 4.96
N SER A 405 10.24 -24.71 4.29
CA SER A 405 9.13 -24.05 4.94
C SER A 405 8.31 -25.00 5.79
N ALA A 406 8.32 -26.29 5.46
CA ALA A 406 7.59 -27.24 6.28
C ALA A 406 8.38 -27.70 7.48
N LEU A 407 9.67 -27.40 7.53
CA LEU A 407 10.46 -27.66 8.72
C LEU A 407 10.44 -26.43 9.63
N TYR A 408 10.56 -25.25 9.01
CA TYR A 408 10.49 -24.01 9.77
C TYR A 408 9.12 -23.83 10.40
N MET A 409 8.06 -24.26 9.72
CA MET A 409 6.75 -24.25 10.35
C MET A 409 6.67 -25.30 11.45
N ALA A 410 7.40 -26.41 11.28
CA ALA A 410 7.32 -27.51 12.24
C ALA A 410 7.99 -27.16 13.55
N TRP A 411 8.97 -26.26 13.52
CA TRP A 411 9.57 -25.83 14.78
C TRP A 411 8.65 -24.89 15.55
N LEU A 412 7.79 -24.15 14.85
CA LEU A 412 7.02 -23.09 15.50
C LEU A 412 5.85 -23.61 16.31
N ASP A 413 5.45 -24.88 16.14
CA ASP A 413 4.38 -25.45 16.95
C ASP A 413 4.86 -26.48 17.95
N THR A 414 6.05 -27.07 17.75
CA THR A 414 6.66 -27.85 18.81
C THR A 414 7.12 -26.97 19.95
N LEU A 415 7.45 -25.70 19.66
CA LEU A 415 7.78 -24.75 20.69
C LEU A 415 6.56 -24.31 21.48
N SER A 416 5.36 -24.44 20.90
CA SER A 416 4.14 -23.88 21.45
C SER A 416 3.01 -24.90 21.44
N LYS A 417 3.27 -26.08 21.98
CA LYS A 417 2.32 -27.19 21.86
C LYS A 417 1.13 -27.04 22.81
N ASP A 418 1.38 -27.06 24.12
CA ASP A 418 0.33 -26.88 25.14
C ASP A 418 0.72 -25.75 26.05
N LEU A 419 0.26 -24.54 25.74
CA LEU A 419 0.67 -23.37 26.51
C LEU A 419 -0.50 -22.44 26.79
N PRO A 420 -0.29 -21.42 27.62
CA PRO A 420 -1.16 -20.23 27.62
C PRO A 420 -0.99 -19.40 26.35
N PRO A 421 -1.67 -18.22 26.22
CA PRO A 421 -1.47 -17.42 24.98
C PRO A 421 -0.06 -16.94 24.75
N ILE A 422 0.75 -17.82 24.16
CA ILE A 422 2.14 -17.49 23.86
C ILE A 422 2.23 -16.40 22.79
N LEU A 423 3.36 -15.68 22.78
CA LEU A 423 3.67 -14.63 21.83
C LEU A 423 5.10 -14.82 21.31
N LEU A 424 5.23 -15.33 20.09
CA LEU A 424 6.53 -15.52 19.45
C LEU A 424 6.94 -14.20 18.82
N VAL A 425 7.92 -13.52 19.40
CA VAL A 425 8.25 -12.17 18.98
C VAL A 425 9.72 -12.09 18.57
N ARG A 426 10.00 -11.35 17.50
CA ARG A 426 11.37 -11.10 17.08
C ARG A 426 11.46 -9.70 16.49
N GLY A 427 12.35 -8.89 17.02
CA GLY A 427 12.54 -7.54 16.54
C GLY A 427 13.33 -7.50 15.25
N ASN A 428 13.52 -6.29 14.74
CA ASN A 428 14.32 -6.09 13.53
C ASN A 428 15.74 -5.70 13.85
N HIS A 429 16.11 -5.69 15.15
CA HIS A 429 17.42 -5.32 15.71
C HIS A 429 17.98 -4.00 15.17
N GLN A 430 17.11 -3.09 14.74
CA GLN A 430 17.59 -1.83 14.17
C GLN A 430 18.02 -0.91 15.29
N SER A 431 17.07 -0.48 16.12
CA SER A 431 17.36 0.27 17.33
C SER A 431 16.14 0.21 18.21
N VAL A 432 16.37 -0.01 19.49
CA VAL A 432 15.34 -0.06 20.51
C VAL A 432 16.03 0.50 21.74
N LEU A 433 15.23 1.00 22.70
CA LEU A 433 15.54 1.68 23.97
C LEU A 433 15.71 3.16 23.68
N THR A 434 15.62 3.59 22.42
CA THR A 434 15.57 5.01 22.11
C THR A 434 14.27 5.58 22.68
N PHE A 435 13.21 4.78 22.62
CA PHE A 435 11.92 5.03 23.22
C PHE A 435 12.12 5.34 24.70
N TYR A 436 11.29 6.26 25.23
CA TYR A 436 11.46 6.96 26.53
C TYR A 436 12.91 7.42 26.72
N SER A 437 13.43 8.11 25.70
CA SER A 437 14.74 8.76 25.70
C SER A 437 15.92 7.83 26.00
N TRP B 1 18.19 21.91 16.19
CA TRP B 1 16.74 21.79 16.32
C TRP B 1 16.34 21.51 17.77
N GLY B 2 16.06 22.57 18.52
CA GLY B 2 15.66 22.43 19.91
C GLY B 2 14.18 22.15 20.08
N SER B 3 13.76 20.92 19.77
CA SER B 3 12.36 20.53 19.89
C SER B 3 12.25 19.37 20.88
N SER B 4 11.64 19.64 22.03
CA SER B 4 11.31 18.60 22.98
C SER B 4 9.83 18.23 22.96
N THR B 5 9.07 18.77 22.00
CA THR B 5 7.64 18.55 21.92
C THR B 5 7.23 17.61 20.79
N GLN B 6 8.18 16.85 20.24
CA GLN B 6 7.87 15.97 19.11
C GLN B 6 6.89 14.86 19.51
N ALA B 7 6.97 14.40 20.76
CA ALA B 7 6.04 13.39 21.23
C ALA B 7 4.64 13.94 21.40
N LEU B 8 4.48 15.26 21.45
CA LEU B 8 3.15 15.82 21.46
C LEU B 8 2.62 16.01 20.04
N THR B 9 3.51 16.03 19.05
CA THR B 9 3.04 16.10 17.68
C THR B 9 2.71 14.73 17.13
N TYR B 10 3.27 13.67 17.71
CA TYR B 10 2.90 12.34 17.27
C TYR B 10 1.45 12.06 17.64
N HIS B 11 1.13 12.25 18.92
CA HIS B 11 -0.24 11.98 19.33
C HIS B 11 -1.20 13.05 18.81
N GLN B 12 -0.72 14.25 18.49
CA GLN B 12 -1.61 15.22 17.85
C GLN B 12 -1.94 14.80 16.43
N ALA B 13 -0.97 14.25 15.70
CA ALA B 13 -1.26 13.76 14.36
C ALA B 13 -2.07 12.48 14.37
N LEU B 14 -2.08 11.76 15.49
CA LEU B 14 -2.80 10.48 15.52
C LEU B 14 -4.24 10.63 16.01
N THR B 15 -4.49 11.52 16.99
CA THR B 15 -5.88 11.66 17.39
C THR B 15 -6.68 12.48 16.39
N HIS B 16 -6.02 13.25 15.52
CA HIS B 16 -6.80 13.97 14.53
C HIS B 16 -7.09 13.07 13.34
N SER B 17 -6.29 12.02 13.15
CA SER B 17 -6.64 11.03 12.16
C SER B 17 -7.82 10.20 12.65
N LEU B 18 -7.87 9.95 13.96
CA LEU B 18 -9.09 9.32 14.48
C LEU B 18 -10.27 10.28 14.50
N GLN B 19 -10.01 11.59 14.58
CA GLN B 19 -11.07 12.59 14.45
C GLN B 19 -11.70 12.53 13.07
N LEU B 20 -10.85 12.51 12.04
CA LEU B 20 -11.34 12.51 10.66
C LEU B 20 -11.91 11.17 10.25
N CYS B 21 -11.42 10.10 10.84
CA CYS B 21 -11.93 8.78 10.53
C CYS B 21 -13.36 8.61 11.03
N GLY B 22 -13.71 9.27 12.12
CA GLY B 22 -15.07 9.24 12.62
C GLY B 22 -15.87 10.49 12.35
N VAL B 23 -16.69 10.45 11.30
CA VAL B 23 -17.64 11.51 10.99
C VAL B 23 -18.93 10.85 10.52
N ALA B 24 -19.92 11.68 10.25
CA ALA B 24 -21.23 11.21 9.80
C ALA B 24 -21.14 10.52 8.45
N ASP B 25 -21.98 9.50 8.26
CA ASP B 25 -21.95 8.68 7.05
C ASP B 25 -22.49 9.42 5.82
N HIS B 26 -23.20 10.52 6.02
CA HIS B 26 -23.82 11.28 4.94
C HIS B 26 -23.14 12.62 4.68
N ILE B 27 -22.21 13.03 5.52
CA ILE B 27 -21.71 14.39 5.55
C ILE B 27 -20.54 14.58 4.59
N LYS B 28 -19.99 13.48 4.06
CA LYS B 28 -18.66 13.51 3.44
C LYS B 28 -18.63 14.36 2.18
N THR B 29 -17.53 15.09 2.02
CA THR B 29 -17.33 16.06 0.96
C THR B 29 -16.61 15.34 -0.18
N PHE B 30 -16.06 16.09 -1.14
CA PHE B 30 -15.25 15.44 -2.16
C PHE B 30 -13.77 15.38 -1.76
N ARG B 31 -13.16 16.57 -1.51
CA ARG B 31 -11.78 16.71 -1.07
C ARG B 31 -10.79 16.03 -2.01
N PRO B 32 -10.47 16.63 -3.16
CA PRO B 32 -9.64 15.93 -4.17
C PRO B 32 -8.24 15.57 -3.72
N GLN B 33 -8.01 14.28 -3.52
CA GLN B 33 -6.70 13.74 -3.20
C GLN B 33 -6.13 13.08 -4.43
N CYS B 34 -4.81 12.94 -4.48
CA CYS B 34 -4.20 12.37 -5.66
C CYS B 34 -2.85 11.79 -5.35
N LEU B 35 -2.55 10.66 -5.97
CA LEU B 35 -1.18 10.18 -6.00
C LEU B 35 -0.59 10.55 -7.35
N VAL B 36 0.53 11.22 -7.31
CA VAL B 36 1.25 11.67 -8.48
C VAL B 36 2.34 10.65 -8.76
N MET B 37 2.54 10.32 -10.01
CA MET B 37 3.61 9.38 -10.37
C MET B 37 4.78 10.19 -10.89
N THR B 38 5.67 10.59 -9.97
CA THR B 38 6.81 11.42 -10.31
C THR B 38 8.09 10.64 -10.50
N GLY B 39 8.20 9.45 -9.94
CA GLY B 39 9.54 8.91 -9.83
C GLY B 39 10.29 9.62 -8.72
N ALA B 40 11.59 9.72 -8.88
CA ALA B 40 12.41 10.47 -7.94
C ALA B 40 12.09 11.95 -8.06
N PRO B 41 11.64 12.60 -6.98
CA PRO B 41 11.00 13.93 -7.13
C PRO B 41 11.91 15.05 -7.54
N ASN B 42 13.23 14.90 -7.45
CA ASN B 42 14.12 15.93 -8.00
C ASN B 42 14.10 15.91 -9.52
N SER B 43 13.78 14.77 -10.11
CA SER B 43 13.38 14.69 -11.50
C SER B 43 11.86 14.84 -11.58
N ARG B 44 11.37 15.11 -12.79
CA ARG B 44 9.99 15.49 -13.09
C ARG B 44 9.46 16.56 -12.16
N PRO B 45 9.92 17.82 -12.24
CA PRO B 45 9.44 18.84 -11.31
C PRO B 45 8.29 19.67 -11.81
N ALA B 46 7.86 19.51 -13.07
CA ALA B 46 6.66 20.20 -13.50
C ALA B 46 5.44 19.49 -12.97
N ILE B 47 5.53 18.18 -12.79
CA ILE B 47 4.40 17.43 -12.26
C ILE B 47 4.28 17.57 -10.74
N LEU B 48 5.30 18.10 -10.07
CA LEU B 48 5.11 18.55 -8.69
C LEU B 48 4.42 19.91 -8.66
N HIS B 49 4.93 20.85 -9.48
CA HIS B 49 4.52 22.24 -9.38
C HIS B 49 3.12 22.47 -9.95
N LEU B 50 2.71 21.68 -10.94
CA LEU B 50 1.36 21.81 -11.44
C LEU B 50 0.35 21.23 -10.46
N VAL B 51 0.61 20.04 -9.92
CA VAL B 51 -0.31 19.40 -8.99
C VAL B 51 -0.10 19.96 -7.58
N HIS B 52 0.74 20.98 -7.45
CA HIS B 52 0.66 21.82 -6.26
C HIS B 52 -0.42 22.88 -6.37
N ALA B 53 -0.77 23.26 -7.59
CA ALA B 53 -1.65 24.40 -7.77
C ALA B 53 -3.08 24.06 -7.38
N PHE B 54 -3.58 22.92 -7.83
CA PHE B 54 -4.70 22.35 -7.11
C PHE B 54 -4.14 21.39 -6.07
N THR B 55 -5.02 20.91 -5.18
CA THR B 55 -4.65 20.18 -3.95
C THR B 55 -3.63 20.96 -3.12
N LYS B 56 -3.92 22.24 -2.90
CA LYS B 56 -3.20 23.06 -1.94
C LYS B 56 -4.23 23.60 -0.96
N ASN B 57 -4.00 23.33 0.34
CA ASN B 57 -4.88 23.62 1.46
C ASN B 57 -6.22 22.89 1.39
N VAL B 58 -6.42 22.03 0.40
CA VAL B 58 -7.74 21.52 0.09
C VAL B 58 -7.69 20.01 -0.14
N GLY B 59 -6.49 19.47 -0.29
CA GLY B 59 -6.33 18.04 -0.45
C GLY B 59 -4.90 17.67 -0.11
N LEU B 60 -4.60 16.38 -0.25
CA LEU B 60 -3.26 15.88 -0.02
C LEU B 60 -2.65 15.46 -1.35
N MET B 61 -1.33 15.55 -1.43
CA MET B 61 -0.61 15.12 -2.61
C MET B 61 0.38 14.05 -2.20
N LEU B 62 0.35 12.91 -2.88
CA LEU B 62 1.22 11.80 -2.52
C LEU B 62 2.16 11.55 -3.69
N CYS B 63 3.47 11.65 -3.45
CA CYS B 63 4.45 11.51 -4.51
C CYS B 63 4.92 10.07 -4.54
N GLY B 64 4.42 9.29 -5.48
CA GLY B 64 4.75 7.89 -5.55
C GLY B 64 6.03 7.65 -6.32
N HIS B 65 6.75 6.60 -5.96
CA HIS B 65 8.00 6.30 -6.65
C HIS B 65 8.21 4.78 -6.63
N VAL B 66 7.82 4.14 -7.72
CA VAL B 66 8.08 2.72 -7.92
C VAL B 66 9.50 2.52 -8.43
N ARG B 67 10.31 1.81 -7.64
CA ARG B 67 11.68 1.52 -7.99
C ARG B 67 11.69 0.19 -8.73
N ILE B 68 11.86 0.27 -10.05
CA ILE B 68 11.90 -0.92 -10.90
C ILE B 68 13.25 -1.57 -10.67
N SER B 69 13.26 -2.74 -10.04
CA SER B 69 14.52 -3.42 -9.73
C SER B 69 14.23 -4.92 -9.73
N SER B 70 14.48 -5.55 -10.87
CA SER B 70 14.15 -6.95 -11.06
C SER B 70 15.02 -7.85 -10.18
N ARG B 71 16.28 -7.47 -9.98
CA ARG B 71 17.21 -8.22 -9.16
C ARG B 71 17.72 -7.36 -8.03
N ARG B 72 18.09 -8.03 -6.93
CA ARG B 72 18.73 -7.44 -5.74
C ARG B 72 17.96 -6.27 -5.11
N PRO B 73 16.80 -6.49 -4.51
CA PRO B 73 16.13 -5.37 -3.83
C PRO B 73 16.80 -5.07 -2.50
N ASN B 74 17.26 -3.82 -2.34
CA ASN B 74 18.03 -3.41 -1.17
C ASN B 74 17.10 -2.62 -0.25
N PHE B 75 16.43 -3.33 0.65
CA PHE B 75 15.43 -2.67 1.49
C PHE B 75 16.04 -1.86 2.62
N LYS B 76 17.24 -2.23 3.08
CA LYS B 76 17.75 -1.65 4.31
C LYS B 76 18.38 -0.28 4.13
N GLU B 77 19.03 -0.02 3.00
CA GLU B 77 19.46 1.35 2.71
C GLU B 77 18.35 2.22 2.15
N LEU B 78 17.22 1.62 1.78
CA LEU B 78 16.15 2.37 1.14
C LEU B 78 15.47 3.33 2.12
N ASN B 79 15.53 3.06 3.42
CA ASN B 79 15.01 4.01 4.39
C ASN B 79 15.81 5.30 4.41
N SER B 80 17.10 5.23 4.07
CA SER B 80 17.88 6.44 3.89
C SER B 80 17.57 7.13 2.57
N ASP B 81 16.95 6.44 1.63
CA ASP B 81 16.38 7.07 0.44
C ASP B 81 14.92 7.45 0.61
N MET B 82 14.32 7.18 1.77
CA MET B 82 13.02 7.73 2.10
C MET B 82 13.12 9.08 2.78
N LEU B 83 13.96 9.18 3.82
CA LEU B 83 14.05 10.41 4.57
C LEU B 83 14.80 11.49 3.82
N ARG B 84 15.65 11.10 2.86
CA ARG B 84 16.38 12.09 2.07
C ARG B 84 15.42 12.80 1.13
N TYR B 85 14.60 12.01 0.42
CA TYR B 85 13.70 12.62 -0.55
C TYR B 85 12.58 13.34 0.16
N GLN B 86 12.16 12.86 1.33
CA GLN B 86 11.13 13.58 2.06
C GLN B 86 11.67 14.91 2.58
N ARG B 87 12.97 14.96 2.93
CA ARG B 87 13.56 16.24 3.29
C ARG B 87 13.69 17.14 2.08
N TRP B 88 13.86 16.56 0.89
CA TRP B 88 13.88 17.38 -0.32
C TRP B 88 12.51 17.97 -0.59
N LEU B 89 11.45 17.24 -0.28
CA LEU B 89 10.11 17.80 -0.41
C LEU B 89 9.83 18.84 0.66
N LEU B 90 10.50 18.75 1.80
CA LEU B 90 10.21 19.69 2.86
C LEU B 90 11.02 20.97 2.75
N ASN B 91 12.22 20.91 2.17
CA ASN B 91 13.04 22.10 2.03
C ASN B 91 12.51 23.00 0.93
N ASN B 92 11.96 22.42 -0.13
CA ASN B 92 11.09 23.20 -0.98
C ASN B 92 9.76 23.40 -0.27
N ASN B 93 9.05 24.46 -0.63
CA ASN B 93 7.80 24.79 0.05
C ASN B 93 6.67 23.93 -0.53
N SER B 94 6.70 22.66 -0.12
CA SER B 94 5.77 21.63 -0.61
C SER B 94 5.00 21.03 0.55
N LYS B 95 3.84 20.45 0.20
CA LYS B 95 2.94 19.83 1.17
C LYS B 95 2.64 18.40 0.75
N ALA B 96 3.67 17.65 0.39
CA ALA B 96 3.49 16.36 -0.23
C ALA B 96 4.08 15.26 0.64
N PHE B 97 3.48 14.09 0.56
CA PHE B 97 4.06 12.91 1.18
C PHE B 97 4.83 12.15 0.12
N TYR B 98 5.48 11.06 0.52
CA TYR B 98 6.34 10.35 -0.42
C TYR B 98 6.42 8.90 0.00
N THR B 99 5.92 8.00 -0.84
CA THR B 99 6.03 6.57 -0.62
C THR B 99 6.66 5.93 -1.84
N CYS B 100 7.67 5.10 -1.54
CA CYS B 100 8.50 4.40 -2.54
C CYS B 100 8.28 2.90 -2.41
N VAL B 101 8.02 2.21 -3.52
CA VAL B 101 7.87 0.76 -3.49
C VAL B 101 8.98 0.16 -4.33
N VAL B 102 9.13 -1.16 -4.26
CA VAL B 102 10.09 -1.88 -5.08
C VAL B 102 9.34 -2.95 -5.85
N ALA B 103 9.50 -2.97 -7.17
CA ALA B 103 8.91 -4.04 -7.94
C ALA B 103 9.78 -4.31 -9.17
N GLU B 104 9.24 -5.10 -10.09
CA GLU B 104 9.99 -5.47 -11.29
C GLU B 104 9.53 -4.72 -12.54
N ASP B 105 8.38 -4.05 -12.49
CA ASP B 105 7.94 -3.20 -13.58
C ASP B 105 7.12 -2.05 -13.01
N LEU B 106 6.70 -1.16 -13.88
CA LEU B 106 6.00 0.03 -13.42
C LEU B 106 4.57 -0.24 -13.00
N ARG B 107 3.91 -1.24 -13.60
CA ARG B 107 2.49 -1.45 -13.37
C ARG B 107 2.23 -2.10 -12.02
N GLN B 108 2.86 -3.24 -11.75
CA GLN B 108 2.57 -3.91 -10.50
C GLN B 108 3.24 -3.17 -9.35
N GLY B 109 4.18 -2.27 -9.65
CA GLY B 109 4.74 -1.40 -8.65
C GLY B 109 3.74 -0.38 -8.15
N THR B 110 2.94 0.17 -9.05
CA THR B 110 1.97 1.17 -8.61
C THR B 110 0.63 0.54 -8.30
N GLN B 111 0.50 -0.77 -8.52
CA GLN B 111 -0.70 -1.45 -8.03
C GLN B 111 -0.75 -1.42 -6.51
N TYR B 112 0.41 -1.51 -5.87
CA TYR B 112 0.52 -1.48 -4.41
C TYR B 112 0.03 -0.17 -3.85
N MET B 113 0.31 0.94 -4.52
CA MET B 113 -0.09 2.25 -4.05
C MET B 113 -1.48 2.64 -4.50
N LEU B 114 -2.22 1.75 -5.16
CA LEU B 114 -3.63 2.03 -5.42
C LEU B 114 -4.50 1.52 -4.30
N GLN B 115 -4.38 0.25 -3.94
CA GLN B 115 -5.27 -0.36 -2.96
C GLN B 115 -4.65 -0.49 -1.58
N ALA B 116 -3.54 0.16 -1.31
CA ALA B 116 -2.99 0.10 0.03
C ALA B 116 -2.38 1.39 0.55
N ALA B 117 -2.44 2.50 -0.18
CA ALA B 117 -1.82 3.73 0.28
C ALA B 117 -2.76 4.50 1.20
N GLY B 118 -2.15 5.25 2.13
CA GLY B 118 -2.90 6.11 3.01
C GLY B 118 -3.59 5.35 4.14
N LEU B 119 -4.03 6.11 5.14
CA LEU B 119 -4.73 5.56 6.29
C LEU B 119 -6.02 6.32 6.54
N GLY B 120 -7.12 5.60 6.68
CA GLY B 120 -8.38 6.23 7.02
C GLY B 120 -9.00 6.91 5.84
N ARG B 121 -9.44 8.15 6.04
CA ARG B 121 -9.99 8.96 4.95
C ARG B 121 -8.92 9.74 4.21
N LEU B 122 -7.66 9.55 4.57
CA LEU B 122 -6.55 10.16 3.85
C LEU B 122 -6.00 9.20 2.80
N ARG B 123 -6.87 8.82 1.89
CA ARG B 123 -6.51 7.91 0.83
C ARG B 123 -6.51 8.65 -0.50
N PRO B 124 -5.72 8.20 -1.48
CA PRO B 124 -5.71 8.88 -2.78
C PRO B 124 -7.01 8.67 -3.53
N ASN B 125 -7.66 9.78 -3.86
CA ASN B 125 -8.89 9.74 -4.63
C ASN B 125 -8.60 9.48 -6.11
N THR B 126 -7.65 10.21 -6.68
CA THR B 126 -7.32 10.11 -8.08
C THR B 126 -5.86 9.71 -8.27
N LEU B 127 -5.53 9.41 -9.51
CA LEU B 127 -4.17 9.10 -9.95
C LEU B 127 -3.80 10.05 -11.07
N VAL B 128 -2.70 10.77 -10.89
CA VAL B 128 -2.21 11.69 -11.92
C VAL B 128 -0.83 11.23 -12.34
N ILE B 129 -0.67 10.96 -13.63
CA ILE B 129 0.59 10.51 -14.21
C ILE B 129 0.97 11.40 -15.36
N GLY B 130 2.21 11.27 -15.78
CA GLY B 130 2.68 11.93 -16.97
C GLY B 130 2.43 11.10 -18.20
N PHE B 131 2.54 11.73 -19.36
CA PHE B 131 2.29 11.05 -20.61
C PHE B 131 3.58 10.45 -21.13
N LYS B 132 3.50 9.19 -21.53
CA LYS B 132 4.66 8.52 -22.13
C LYS B 132 4.89 9.10 -23.52
N ASN B 133 5.94 9.89 -23.66
CA ASN B 133 6.22 10.52 -24.95
C ASN B 133 6.89 9.54 -25.91
N ASP B 134 7.85 8.75 -25.43
CA ASP B 134 8.65 7.90 -26.31
C ASP B 134 8.06 6.49 -26.39
N TRP B 135 6.81 6.42 -26.81
CA TRP B 135 6.14 5.13 -26.89
C TRP B 135 6.36 4.43 -28.22
N ARG B 136 6.72 5.16 -29.26
CA ARG B 136 6.94 4.58 -30.58
C ARG B 136 8.41 4.34 -30.89
N ILE B 137 9.34 4.86 -30.09
CA ILE B 137 10.74 4.81 -30.49
C ILE B 137 11.33 3.43 -30.24
N GLY B 138 10.87 2.72 -29.23
CA GLY B 138 11.42 1.40 -28.95
C GLY B 138 10.68 0.72 -27.84
N ASP B 139 10.75 -0.62 -27.87
CA ASP B 139 10.29 -1.53 -26.82
C ASP B 139 8.79 -1.34 -26.54
N ILE B 140 8.01 -1.74 -27.55
CA ILE B 140 6.56 -1.62 -27.46
C ILE B 140 5.93 -2.62 -26.48
N LYS B 141 6.71 -3.61 -26.03
CA LYS B 141 6.46 -4.40 -24.83
C LYS B 141 5.93 -3.58 -23.65
N GLU B 142 6.63 -2.52 -23.27
CA GLU B 142 6.40 -1.88 -21.99
C GLU B 142 5.44 -0.71 -22.12
N VAL B 143 4.70 -0.68 -23.22
CA VAL B 143 3.51 0.14 -23.32
C VAL B 143 2.36 -0.63 -22.70
N GLU B 144 2.49 -1.97 -22.67
CA GLU B 144 1.45 -2.80 -22.08
C GLU B 144 1.40 -2.65 -20.57
N THR B 145 2.47 -2.20 -19.96
CA THR B 145 2.39 -1.91 -18.54
C THR B 145 1.73 -0.56 -18.31
N TYR B 146 1.95 0.40 -19.20
CA TYR B 146 1.37 1.73 -19.00
C TYR B 146 -0.14 1.76 -19.23
N ILE B 147 -0.62 1.10 -20.28
CA ILE B 147 -2.05 1.17 -20.58
C ILE B 147 -2.84 0.28 -19.63
N ASN B 148 -2.29 -0.86 -19.27
CA ASN B 148 -2.96 -1.68 -18.29
C ASN B 148 -2.84 -1.10 -16.89
N LEU B 149 -2.01 -0.08 -16.70
CA LEU B 149 -2.14 0.73 -15.50
C LEU B 149 -3.34 1.66 -15.59
N ILE B 150 -3.55 2.29 -16.76
CA ILE B 150 -4.66 3.21 -16.93
C ILE B 150 -5.99 2.49 -16.76
N HIS B 151 -6.08 1.27 -17.31
CA HIS B 151 -7.29 0.49 -17.17
C HIS B 151 -7.48 0.00 -15.76
N ASP B 152 -6.40 -0.10 -15.00
CA ASP B 152 -6.55 -0.55 -13.64
C ASP B 152 -6.92 0.62 -12.73
N ALA B 153 -6.53 1.85 -13.08
CA ALA B 153 -7.01 2.97 -12.30
C ALA B 153 -8.50 3.19 -12.51
N PHE B 154 -8.99 2.89 -13.70
CA PHE B 154 -10.42 2.98 -13.95
C PHE B 154 -11.20 1.81 -13.38
N ASP B 155 -10.52 0.74 -12.98
CA ASP B 155 -11.20 -0.38 -12.35
C ASP B 155 -11.41 -0.16 -10.86
N PHE B 156 -10.53 0.58 -10.21
CA PHE B 156 -10.68 0.88 -8.79
C PHE B 156 -11.53 2.10 -8.52
N GLN B 157 -12.29 2.57 -9.52
CA GLN B 157 -13.10 3.78 -9.46
C GLN B 157 -12.28 5.01 -9.08
N TYR B 158 -11.08 5.11 -9.64
CA TYR B 158 -10.24 6.29 -9.47
C TYR B 158 -10.48 7.25 -10.61
N GLY B 159 -10.17 8.52 -10.38
CA GLY B 159 -10.08 9.48 -11.45
C GLY B 159 -8.68 9.45 -12.03
N VAL B 160 -8.56 9.69 -13.33
CA VAL B 160 -7.27 9.62 -14.01
C VAL B 160 -6.96 10.97 -14.63
N VAL B 161 -5.78 11.50 -14.33
CA VAL B 161 -5.28 12.70 -14.97
C VAL B 161 -3.96 12.35 -15.64
N ILE B 162 -3.79 12.79 -16.89
CA ILE B 162 -2.58 12.58 -17.67
C ILE B 162 -2.07 13.93 -18.09
N LEU B 163 -0.85 14.27 -17.70
CA LEU B 163 -0.27 15.56 -18.07
C LEU B 163 0.68 15.37 -19.23
N ARG B 164 0.58 16.22 -20.24
CA ARG B 164 1.50 16.14 -21.36
C ARG B 164 2.02 17.52 -21.70
N LEU B 165 3.34 17.67 -21.67
CA LEU B 165 4.06 18.80 -22.23
C LEU B 165 4.52 18.43 -23.64
N ARG B 166 4.80 19.45 -24.44
CA ARG B 166 5.28 19.21 -25.81
C ARG B 166 6.65 18.56 -25.82
N GLU B 167 7.50 18.90 -24.87
CA GLU B 167 8.75 18.21 -24.62
C GLU B 167 8.55 17.22 -23.49
N GLY B 168 9.66 16.68 -22.98
CA GLY B 168 9.57 15.64 -21.97
C GLY B 168 9.37 16.18 -20.57
N LEU B 169 9.13 15.24 -19.66
CA LEU B 169 8.92 15.54 -18.25
C LEU B 169 10.17 15.31 -17.40
N ASP B 170 11.01 14.36 -17.78
CA ASP B 170 12.11 13.90 -16.95
C ASP B 170 13.32 14.80 -17.13
N ILE B 171 14.10 14.96 -16.04
CA ILE B 171 15.35 15.69 -16.06
C ILE B 171 16.41 14.81 -15.41
N SER B 172 17.20 14.11 -16.23
CA SER B 172 18.39 13.42 -15.73
C SER B 172 19.44 13.47 -16.83
N HIS B 173 20.28 14.50 -16.77
CA HIS B 173 21.24 14.78 -17.84
C HIS B 173 22.53 13.99 -17.68
N LEU B 227 23.61 20.42 -25.39
CA LEU B 227 23.50 21.34 -24.27
C LEU B 227 22.34 22.31 -24.49
N ASN B 228 22.39 23.06 -25.59
CA ASN B 228 21.32 24.02 -25.86
C ASN B 228 20.07 23.36 -26.41
N VAL B 229 20.16 22.10 -26.85
CA VAL B 229 18.95 21.31 -27.07
C VAL B 229 18.37 20.85 -25.74
N ALA B 230 19.21 20.70 -24.72
CA ALA B 230 18.75 20.43 -23.37
C ALA B 230 18.41 21.69 -22.59
N ASP B 231 18.73 22.87 -23.12
CA ASP B 231 18.27 24.11 -22.53
C ASP B 231 16.77 24.29 -22.75
N GLN B 232 16.24 23.67 -23.81
CA GLN B 232 14.80 23.62 -24.02
C GLN B 232 14.11 22.81 -22.94
N ARG B 233 14.79 21.79 -22.39
CA ARG B 233 14.18 20.98 -21.35
C ARG B 233 14.09 21.72 -20.03
N LEU B 234 15.11 22.50 -19.71
CA LEU B 234 15.35 22.93 -18.34
C LEU B 234 14.39 24.05 -17.96
N LEU B 235 14.46 25.18 -18.66
CA LEU B 235 13.58 26.30 -18.34
C LEU B 235 12.11 25.93 -18.56
N ASP B 236 11.83 25.17 -19.61
CA ASP B 236 10.45 24.82 -19.91
C ASP B 236 9.91 23.73 -19.00
N SER B 237 10.75 23.12 -18.16
CA SER B 237 10.23 22.33 -17.05
C SER B 237 9.96 23.15 -15.80
N GLN B 238 10.77 24.17 -15.53
CA GLN B 238 10.49 25.16 -14.50
C GLN B 238 9.68 26.31 -15.08
N GLN B 239 8.48 25.97 -15.51
CA GLN B 239 7.58 26.93 -16.14
C GLN B 239 6.28 27.13 -15.37
N PHE B 240 6.04 26.37 -14.31
CA PHE B 240 4.77 26.47 -13.59
C PHE B 240 4.89 27.09 -12.21
N GLN B 241 6.03 26.94 -11.52
CA GLN B 241 6.09 27.43 -10.15
C GLN B 241 6.25 28.95 -10.13
N GLN B 242 7.05 29.51 -11.02
CA GLN B 242 7.20 30.95 -11.06
C GLN B 242 6.43 31.47 -12.27
N LYS B 243 6.55 32.78 -12.48
CA LYS B 243 6.45 33.52 -13.75
C LYS B 243 5.29 33.13 -14.66
N GLN B 244 4.07 33.34 -14.22
CA GLN B 244 2.88 33.18 -15.05
C GLN B 244 2.31 34.54 -15.42
N GLY B 245 2.27 34.85 -16.70
CA GLY B 245 1.77 36.13 -17.18
C GLY B 245 0.28 36.10 -17.41
N LYS B 246 -0.18 36.93 -18.35
CA LYS B 246 -1.60 37.03 -18.67
C LYS B 246 -1.89 36.17 -19.89
N GLY B 247 -2.96 35.38 -19.82
CA GLY B 247 -3.30 34.43 -20.86
C GLY B 247 -4.65 33.78 -20.67
N THR B 248 -4.74 32.47 -20.91
CA THR B 248 -6.01 31.77 -20.96
C THR B 248 -5.81 30.31 -20.56
N VAL B 249 -6.69 29.80 -19.70
CA VAL B 249 -6.78 28.39 -19.33
C VAL B 249 -8.15 27.90 -19.80
N ASP B 250 -8.22 27.30 -20.98
CA ASP B 250 -9.50 26.95 -21.58
C ASP B 250 -9.76 25.46 -21.50
N VAL B 251 -11.01 25.10 -21.22
CA VAL B 251 -11.40 23.72 -20.98
C VAL B 251 -12.26 23.25 -22.15
N TRP B 252 -12.48 21.94 -22.22
CA TRP B 252 -13.30 21.33 -23.26
C TRP B 252 -14.21 20.32 -22.58
N TRP B 253 -15.38 20.78 -22.12
CA TRP B 253 -16.35 19.89 -21.49
C TRP B 253 -17.00 19.05 -22.58
N LEU B 254 -16.60 17.78 -22.68
CA LEU B 254 -17.13 16.90 -23.71
C LEU B 254 -17.68 15.58 -23.17
N PHE B 255 -17.78 15.41 -21.86
CA PHE B 255 -18.37 14.20 -21.31
C PHE B 255 -19.31 14.56 -20.17
N ASP B 256 -20.48 13.94 -20.17
CA ASP B 256 -21.54 14.34 -19.25
C ASP B 256 -21.23 13.89 -17.82
N ASP B 257 -20.68 12.70 -17.67
CA ASP B 257 -20.29 12.16 -16.37
C ASP B 257 -18.80 12.40 -16.10
N GLY B 258 -18.28 13.52 -16.57
CA GLY B 258 -16.92 13.91 -16.26
C GLY B 258 -16.75 14.22 -14.79
N GLY B 259 -17.39 15.27 -14.31
CA GLY B 259 -17.26 15.59 -12.92
C GLY B 259 -16.07 16.48 -12.59
N LEU B 260 -14.95 15.82 -12.27
CA LEU B 260 -13.71 16.47 -11.84
C LEU B 260 -13.17 17.47 -12.85
N THR B 261 -13.46 17.27 -14.15
CA THR B 261 -12.82 18.03 -15.22
C THR B 261 -13.19 19.50 -15.24
N LEU B 262 -14.16 19.93 -14.45
CA LEU B 262 -14.43 21.34 -14.22
C LEU B 262 -13.92 21.82 -12.88
N LEU B 263 -13.77 20.90 -11.92
CA LEU B 263 -13.25 21.28 -10.62
C LEU B 263 -11.77 21.62 -10.68
N ILE B 264 -11.03 20.93 -11.54
CA ILE B 264 -9.58 21.17 -11.68
C ILE B 264 -9.27 22.58 -12.23
N PRO B 265 -9.91 23.07 -13.32
CA PRO B 265 -9.60 24.45 -13.73
C PRO B 265 -10.14 25.50 -12.81
N TYR B 266 -11.10 25.16 -11.95
CA TYR B 266 -11.54 26.15 -10.99
C TYR B 266 -10.49 26.32 -9.91
N LEU B 267 -9.93 25.21 -9.44
CA LEU B 267 -9.01 25.25 -8.31
C LEU B 267 -7.67 25.82 -8.75
N ILE B 268 -7.29 25.63 -10.01
CA ILE B 268 -5.98 26.12 -10.41
C ILE B 268 -6.03 27.61 -10.77
N ALA B 269 -7.18 28.14 -11.18
CA ALA B 269 -7.26 29.55 -11.52
C ALA B 269 -7.48 30.44 -10.32
N ASN B 270 -7.89 29.89 -9.19
CA ASN B 270 -7.99 30.66 -7.95
C ASN B 270 -6.71 30.61 -7.13
N LYS B 271 -5.60 30.94 -7.77
CA LYS B 271 -4.28 30.84 -7.16
C LYS B 271 -3.53 32.15 -7.36
N LYS B 272 -2.37 32.24 -6.73
CA LYS B 272 -1.55 33.45 -6.80
C LYS B 272 -1.01 33.69 -8.20
N LYS B 273 -0.80 32.67 -8.98
CA LYS B 273 -0.16 32.91 -10.26
C LYS B 273 -1.13 32.99 -11.42
N TRP B 274 -2.35 32.53 -11.25
CA TRP B 274 -3.27 32.31 -12.35
C TRP B 274 -4.51 33.20 -12.33
N LYS B 275 -4.58 34.23 -11.48
CA LYS B 275 -5.85 34.94 -11.45
C LYS B 275 -5.94 36.03 -12.51
N ASP B 276 -4.89 36.26 -13.26
CA ASP B 276 -4.99 36.94 -14.55
C ASP B 276 -5.08 35.93 -15.69
N CYS B 277 -6.06 35.03 -15.62
CA CYS B 277 -6.24 34.04 -16.67
C CYS B 277 -7.71 33.66 -16.76
N LYS B 278 -8.20 33.56 -17.99
CA LYS B 278 -9.61 33.45 -18.28
C LYS B 278 -9.94 31.98 -18.50
N ILE B 279 -11.09 31.55 -18.01
CA ILE B 279 -11.54 30.18 -18.23
C ILE B 279 -12.58 30.18 -19.34
N ARG B 280 -12.19 29.69 -20.51
CA ARG B 280 -13.05 29.66 -21.69
C ARG B 280 -13.59 28.24 -21.86
N VAL B 281 -14.82 28.01 -21.40
CA VAL B 281 -15.44 26.70 -21.55
C VAL B 281 -15.80 26.50 -23.02
N PHE B 282 -15.31 25.40 -23.60
CA PHE B 282 -15.77 24.97 -24.90
C PHE B 282 -16.62 23.72 -24.72
N ILE B 283 -17.57 23.51 -25.64
CA ILE B 283 -18.53 22.43 -25.49
C ILE B 283 -19.06 22.03 -26.86
N GLY B 284 -19.11 20.73 -27.12
CA GLY B 284 -19.89 20.21 -28.22
C GLY B 284 -21.23 19.70 -27.73
N GLY B 285 -22.29 20.04 -28.46
CA GLY B 285 -23.62 19.66 -28.06
C GLY B 285 -24.54 19.46 -29.24
N LYS B 286 -25.74 20.02 -29.17
CA LYS B 286 -26.74 19.86 -30.22
C LYS B 286 -26.37 20.72 -31.42
N ILE B 287 -27.23 20.67 -32.43
CA ILE B 287 -26.98 21.38 -33.67
C ILE B 287 -27.97 22.52 -33.91
N ASN B 288 -29.23 22.36 -33.50
CA ASN B 288 -30.25 23.32 -33.93
C ASN B 288 -30.36 24.47 -32.93
N ARG B 289 -30.56 24.16 -31.64
CA ARG B 289 -30.65 25.21 -30.64
C ARG B 289 -29.29 25.46 -30.02
N ILE B 290 -28.87 26.73 -30.04
CA ILE B 290 -27.56 27.14 -29.55
C ILE B 290 -27.67 28.02 -28.32
N ASP B 291 -28.68 28.90 -28.29
CA ASP B 291 -28.86 29.82 -27.17
C ASP B 291 -29.18 29.07 -25.87
N HIS B 292 -29.93 27.98 -25.97
CA HIS B 292 -30.41 27.37 -24.76
C HIS B 292 -29.52 26.26 -24.28
N ASP B 293 -28.70 25.68 -25.16
CA ASP B 293 -27.67 24.75 -24.67
C ASP B 293 -26.56 25.51 -23.95
N ARG B 294 -26.25 26.72 -24.42
CA ARG B 294 -25.41 27.64 -23.67
C ARG B 294 -26.05 28.04 -22.35
N ARG B 295 -27.37 28.19 -22.33
CA ARG B 295 -28.06 28.45 -21.05
C ARG B 295 -27.99 27.23 -20.13
N ALA B 296 -28.12 26.02 -20.72
CA ALA B 296 -28.08 24.81 -19.93
C ALA B 296 -26.68 24.56 -19.37
N MET B 297 -25.66 25.03 -20.07
CA MET B 297 -24.34 24.93 -19.47
C MET B 297 -24.10 26.05 -18.48
N ALA B 298 -24.79 27.19 -18.65
CA ALA B 298 -24.55 28.34 -17.80
C ALA B 298 -25.06 28.10 -16.39
N THR B 299 -26.18 27.38 -16.24
CA THR B 299 -26.67 27.06 -14.90
C THR B 299 -25.70 26.12 -14.17
N LEU B 300 -25.12 25.16 -14.89
CA LEU B 300 -24.19 24.23 -14.26
C LEU B 300 -22.90 24.95 -13.90
N LEU B 301 -22.45 25.86 -14.76
CA LEU B 301 -21.24 26.62 -14.47
C LEU B 301 -21.47 27.61 -13.33
N SER B 302 -22.72 28.03 -13.12
CA SER B 302 -23.04 28.84 -11.96
C SER B 302 -22.99 28.00 -10.70
N LYS B 303 -23.23 26.69 -10.82
CA LYS B 303 -23.10 25.83 -9.64
C LYS B 303 -21.63 25.64 -9.25
N PHE B 304 -20.75 25.57 -10.24
CA PHE B 304 -19.32 25.36 -9.99
C PHE B 304 -18.56 26.65 -9.72
N ARG B 305 -19.26 27.80 -9.71
CA ARG B 305 -18.78 29.17 -9.51
C ARG B 305 -17.44 29.48 -10.19
N ILE B 306 -17.29 29.03 -11.43
CA ILE B 306 -16.03 29.14 -12.14
C ILE B 306 -15.78 30.58 -12.63
N ASP B 307 -16.85 31.33 -12.92
CA ASP B 307 -16.80 32.71 -13.43
C ASP B 307 -16.01 32.80 -14.73
N PHE B 308 -16.59 32.15 -15.74
CA PHE B 308 -16.00 31.93 -17.05
C PHE B 308 -15.99 33.21 -17.88
N SER B 309 -15.45 33.11 -19.09
CA SER B 309 -15.50 34.19 -20.08
C SER B 309 -16.58 33.96 -21.13
N ASP B 310 -16.61 32.77 -21.74
CA ASP B 310 -17.66 32.41 -22.68
C ASP B 310 -17.82 30.91 -22.74
N ILE B 311 -19.00 30.48 -23.17
CA ILE B 311 -19.31 29.07 -23.35
C ILE B 311 -19.55 28.90 -24.84
N THR B 312 -18.53 28.49 -25.57
CA THR B 312 -18.61 28.37 -27.02
C THR B 312 -19.12 26.98 -27.39
N VAL B 313 -20.20 26.95 -28.17
CA VAL B 313 -20.80 25.70 -28.62
C VAL B 313 -20.32 25.42 -30.03
N LEU B 314 -19.83 24.21 -30.26
CA LEU B 314 -19.32 23.79 -31.56
C LEU B 314 -20.30 22.82 -32.21
N GLY B 315 -20.12 22.62 -33.51
CA GLY B 315 -21.04 21.77 -34.25
C GLY B 315 -20.37 20.98 -35.35
N ASP B 316 -19.06 20.79 -35.27
CA ASP B 316 -18.30 20.09 -36.28
C ASP B 316 -17.40 19.04 -35.67
N ILE B 317 -17.88 18.37 -34.62
CA ILE B 317 -17.18 17.25 -34.01
C ILE B 317 -17.75 15.96 -34.57
N ASN B 318 -16.88 14.95 -34.67
CA ASN B 318 -17.07 13.68 -35.38
C ASN B 318 -17.83 13.82 -36.70
N THR B 319 -17.38 14.77 -37.53
CA THR B 319 -17.90 14.91 -38.89
C THR B 319 -16.85 14.64 -39.95
N LYS B 320 -15.73 15.36 -39.95
CA LYS B 320 -14.88 15.36 -41.12
C LYS B 320 -13.41 15.59 -40.78
N PRO B 321 -12.57 14.56 -40.83
CA PRO B 321 -11.14 14.75 -40.56
C PRO B 321 -10.33 15.33 -41.71
N LYS B 322 -10.96 15.56 -42.88
CA LYS B 322 -10.47 16.43 -43.95
C LYS B 322 -9.26 15.81 -44.67
N SER B 323 -9.11 14.48 -44.55
CA SER B 323 -8.19 13.64 -45.34
C SER B 323 -6.72 14.00 -45.14
N GLU B 324 -6.39 14.60 -43.99
CA GLU B 324 -5.05 15.10 -43.71
C GLU B 324 -4.30 14.24 -42.71
N GLY B 325 -4.89 14.00 -41.53
CA GLY B 325 -4.20 13.32 -40.46
C GLY B 325 -4.31 11.82 -40.49
N LEU B 326 -5.25 11.29 -41.28
CA LEU B 326 -5.37 9.85 -41.42
C LEU B 326 -4.19 9.27 -42.18
N THR B 327 -3.58 10.08 -43.04
CA THR B 327 -2.31 9.69 -43.65
C THR B 327 -1.20 9.59 -42.62
N GLU B 328 -1.26 10.38 -41.55
CA GLU B 328 -0.27 10.30 -40.49
C GLU B 328 -0.68 9.29 -39.42
N PHE B 329 -1.98 9.12 -39.22
CA PHE B 329 -2.44 8.18 -38.20
C PHE B 329 -2.23 6.75 -38.67
N ALA B 330 -2.40 6.49 -39.96
CA ALA B 330 -2.23 5.12 -40.44
C ALA B 330 -0.76 4.70 -40.43
N GLU B 331 0.15 5.64 -40.75
CA GLU B 331 1.56 5.29 -40.67
C GLU B 331 2.07 5.32 -39.24
N MET B 332 1.31 5.91 -38.31
CA MET B 332 1.66 5.81 -36.91
C MET B 332 1.47 4.39 -36.40
N ILE B 333 0.38 3.74 -36.79
CA ILE B 333 0.08 2.38 -36.38
C ILE B 333 0.53 1.36 -37.43
N GLU B 334 1.42 1.77 -38.35
CA GLU B 334 1.91 0.89 -39.41
C GLU B 334 2.59 -0.38 -38.92
N PRO B 335 3.52 -0.37 -37.94
CA PRO B 335 4.06 -1.66 -37.48
C PRO B 335 3.19 -2.38 -36.46
N TYR B 336 1.96 -1.93 -36.24
CA TYR B 336 1.06 -2.57 -35.29
C TYR B 336 -0.20 -3.13 -35.93
N LYS B 337 -0.39 -2.95 -37.24
CA LYS B 337 -1.60 -3.42 -37.92
C LYS B 337 -1.60 -4.93 -37.95
N LEU B 338 -2.48 -5.53 -37.13
CA LEU B 338 -2.50 -6.94 -36.74
C LEU B 338 -1.21 -7.41 -36.08
N ARG B 339 -0.34 -6.49 -35.70
CA ARG B 339 0.77 -6.71 -34.78
C ARG B 339 0.53 -6.02 -33.46
N GLU B 340 -0.73 -5.72 -33.15
CA GLU B 340 -1.12 -5.08 -31.90
C GLU B 340 -0.59 -5.92 -30.75
N ASP B 341 0.04 -5.26 -29.79
CA ASP B 341 0.82 -5.99 -28.80
C ASP B 341 -0.07 -6.70 -27.81
N ASP B 342 -0.17 -8.00 -28.01
CA ASP B 342 -0.84 -8.96 -27.15
C ASP B 342 -0.27 -10.26 -27.67
N MET B 343 0.63 -10.87 -26.90
CA MET B 343 1.28 -12.10 -27.35
C MET B 343 0.31 -13.25 -27.55
N GLU B 344 -0.64 -13.42 -26.62
CA GLU B 344 -1.59 -14.52 -26.72
C GLU B 344 -2.47 -14.39 -27.96
N GLN B 345 -2.97 -13.19 -28.26
CA GLN B 345 -3.80 -12.97 -29.44
C GLN B 345 -2.97 -13.20 -30.71
N GLU B 346 -1.71 -12.73 -30.68
CA GLU B 346 -0.78 -12.85 -31.80
C GLU B 346 -0.51 -14.32 -32.10
N ALA B 347 -0.33 -15.12 -31.05
CA ALA B 347 -0.10 -16.54 -31.27
C ALA B 347 -1.39 -17.21 -31.74
N ALA B 348 -2.52 -16.77 -31.18
CA ALA B 348 -3.84 -17.35 -31.43
C ALA B 348 -4.31 -17.29 -32.88
N GLU B 349 -4.01 -16.19 -33.60
CA GLU B 349 -4.47 -16.03 -34.99
C GLU B 349 -4.19 -17.22 -35.91
N LYS B 350 -3.08 -17.95 -35.68
CA LYS B 350 -2.69 -19.03 -36.59
C LYS B 350 -3.67 -20.22 -36.61
N LEU B 351 -4.61 -20.30 -35.65
CA LEU B 351 -5.70 -21.27 -35.77
C LEU B 351 -6.82 -20.80 -36.67
N LYS B 352 -6.73 -19.59 -37.22
CA LYS B 352 -7.79 -19.11 -38.09
C LYS B 352 -7.24 -18.60 -39.41
N SER B 353 -6.02 -18.08 -39.42
CA SER B 353 -5.44 -17.58 -40.65
C SER B 353 -3.92 -17.60 -40.55
N GLU B 354 -3.28 -17.60 -41.71
CA GLU B 354 -1.84 -17.43 -41.83
C GLU B 354 -1.45 -16.03 -42.25
N GLU B 355 -2.24 -15.40 -43.11
CA GLU B 355 -2.14 -13.97 -43.33
C GLU B 355 -3.01 -13.28 -42.28
N PRO B 356 -2.44 -12.55 -41.32
CA PRO B 356 -3.26 -12.04 -40.20
C PRO B 356 -4.15 -10.88 -40.60
N TRP B 357 -3.76 -10.11 -41.62
CA TRP B 357 -4.46 -8.87 -41.99
C TRP B 357 -5.71 -9.16 -42.83
N ARG B 358 -6.60 -9.99 -42.29
CA ARG B 358 -7.89 -10.21 -42.94
C ARG B 358 -9.07 -9.82 -42.06
N ILE B 359 -8.81 -9.35 -40.84
CA ILE B 359 -9.85 -8.95 -39.91
C ILE B 359 -9.46 -7.57 -39.37
N THR B 360 -10.45 -6.67 -39.26
CA THR B 360 -10.19 -5.28 -38.92
C THR B 360 -11.14 -4.84 -37.80
N ALA B 361 -11.78 -5.81 -37.13
CA ALA B 361 -12.84 -5.51 -36.16
C ALA B 361 -12.32 -4.78 -34.94
N ASN B 362 -11.19 -5.22 -34.39
CA ASN B 362 -10.55 -4.45 -33.34
C ASN B 362 -9.97 -3.16 -33.92
N GLU B 363 -9.52 -3.20 -35.17
CA GLU B 363 -8.60 -2.19 -35.68
C GLU B 363 -9.33 -0.94 -36.18
N LEU B 364 -10.16 -1.09 -37.20
CA LEU B 364 -10.92 0.04 -37.74
C LEU B 364 -12.39 -0.27 -38.00
N GLU B 365 -12.76 -1.54 -38.15
CA GLU B 365 -14.08 -1.90 -38.67
C GLU B 365 -15.18 -1.61 -37.67
N LEU B 366 -14.88 -1.60 -36.37
CA LEU B 366 -15.87 -1.32 -35.34
C LEU B 366 -15.66 0.01 -34.64
N TYR B 367 -14.57 0.71 -34.91
CA TYR B 367 -14.22 1.97 -34.26
C TYR B 367 -13.82 3.01 -35.29
N LYS B 368 -14.69 3.20 -36.28
CA LYS B 368 -14.55 4.26 -37.28
C LYS B 368 -14.54 5.64 -36.62
N ALA B 369 -15.67 6.02 -36.05
CA ALA B 369 -15.83 7.39 -35.58
C ALA B 369 -15.15 7.63 -34.25
N LYS B 370 -14.74 6.58 -33.55
CA LYS B 370 -13.92 6.76 -32.36
C LYS B 370 -12.52 7.21 -32.75
N GLY B 371 -11.98 6.64 -33.81
CA GLY B 371 -10.67 7.04 -34.28
C GLY B 371 -10.76 8.36 -35.01
N ASN B 372 -11.84 8.58 -35.75
CA ASN B 372 -11.97 9.83 -36.51
C ASN B 372 -12.31 11.02 -35.63
N ARG B 373 -12.79 10.79 -34.41
CA ARG B 373 -13.12 11.88 -33.51
C ARG B 373 -11.86 12.58 -33.02
N GLN B 374 -10.83 11.83 -32.66
CA GLN B 374 -9.61 12.43 -32.10
C GLN B 374 -8.85 13.22 -33.17
N ILE B 375 -8.84 12.71 -34.40
CA ILE B 375 -8.25 13.45 -35.51
C ILE B 375 -9.08 14.67 -35.82
N ARG B 376 -10.40 14.61 -35.62
CA ARG B 376 -11.20 15.83 -35.77
C ARG B 376 -10.88 16.81 -34.64
N LEU B 377 -10.67 16.30 -33.43
CA LEU B 377 -10.46 17.14 -32.27
C LEU B 377 -9.12 17.82 -32.27
N ASN B 378 -8.14 17.30 -33.01
CA ASN B 378 -6.80 17.88 -32.90
C ASN B 378 -6.71 19.23 -33.59
N GLU B 379 -7.30 19.36 -34.79
CA GLU B 379 -7.30 20.66 -35.44
C GLU B 379 -8.25 21.63 -34.75
N LEU B 380 -9.28 21.12 -34.05
CA LEU B 380 -10.08 22.02 -33.24
C LEU B 380 -9.31 22.50 -32.02
N LEU B 381 -8.38 21.68 -31.51
CA LEU B 381 -7.51 22.12 -30.43
C LEU B 381 -6.51 23.14 -30.93
N LYS B 382 -6.14 23.06 -32.20
CA LYS B 382 -5.07 23.93 -32.69
C LYS B 382 -5.60 25.27 -33.18
N GLU B 383 -6.72 25.28 -33.90
CA GLU B 383 -7.26 26.52 -34.42
C GLU B 383 -7.99 27.36 -33.38
N HIS B 384 -8.21 26.84 -32.17
CA HIS B 384 -8.89 27.59 -31.13
C HIS B 384 -8.09 27.74 -29.84
N SER B 385 -7.15 26.85 -29.57
CA SER B 385 -6.33 26.90 -28.35
C SER B 385 -4.86 26.89 -28.70
N SER B 386 -4.47 27.79 -29.61
CA SER B 386 -3.08 27.88 -30.04
C SER B 386 -2.19 28.36 -28.90
N THR B 387 -2.44 29.56 -28.41
CA THR B 387 -1.68 30.13 -27.30
C THR B 387 -2.59 30.15 -26.09
N ALA B 388 -2.57 29.05 -25.35
CA ALA B 388 -3.25 28.94 -24.07
C ALA B 388 -2.23 28.46 -23.04
N ASN B 389 -2.60 28.57 -21.77
CA ASN B 389 -1.69 28.10 -20.74
C ASN B 389 -1.90 26.62 -20.46
N LEU B 390 -3.14 26.19 -20.33
CA LEU B 390 -3.46 24.78 -20.22
C LEU B 390 -4.62 24.45 -21.14
N ILE B 391 -4.84 23.15 -21.34
CA ILE B 391 -6.02 22.65 -22.02
C ILE B 391 -6.53 21.51 -21.14
N VAL B 392 -7.66 21.73 -20.49
CA VAL B 392 -8.26 20.70 -19.65
C VAL B 392 -9.28 19.98 -20.52
N MET B 393 -8.91 18.80 -20.98
CA MET B 393 -9.65 18.09 -22.01
C MET B 393 -10.14 16.77 -21.46
N SER B 394 -11.35 16.40 -21.89
CA SER B 394 -12.00 15.12 -21.51
C SER B 394 -11.12 14.01 -22.05
N MET B 395 -11.01 12.88 -21.34
CA MET B 395 -10.10 11.84 -21.77
C MET B 395 -10.87 10.70 -22.39
N PRO B 396 -10.49 10.27 -23.59
CA PRO B 396 -11.22 9.16 -24.22
C PRO B 396 -10.91 7.84 -23.52
N LEU B 397 -11.97 7.16 -23.10
CA LEU B 397 -11.84 5.86 -22.45
C LEU B 397 -12.48 4.78 -23.31
N ALA B 398 -11.69 3.77 -23.64
CA ALA B 398 -12.17 2.61 -24.38
C ALA B 398 -12.27 1.43 -23.42
N ARG B 399 -13.13 0.48 -23.79
CA ARG B 399 -13.35 -0.69 -22.96
C ARG B 399 -12.20 -1.68 -23.11
N LYS B 400 -11.81 -2.29 -22.00
CA LYS B 400 -10.70 -3.23 -21.98
C LYS B 400 -11.04 -4.50 -22.75
N GLY B 401 -10.02 -5.08 -23.35
CA GLY B 401 -10.18 -6.35 -24.05
C GLY B 401 -10.70 -6.28 -25.47
N ALA B 402 -11.78 -5.54 -25.68
CA ALA B 402 -12.28 -5.34 -27.03
C ALA B 402 -11.38 -4.40 -27.82
N VAL B 403 -10.67 -3.51 -27.16
CA VAL B 403 -9.77 -2.56 -27.81
C VAL B 403 -8.34 -2.91 -27.45
N SER B 404 -7.45 -2.78 -28.42
CA SER B 404 -6.04 -3.04 -28.17
C SER B 404 -5.41 -1.89 -27.40
N SER B 405 -4.35 -2.21 -26.67
CA SER B 405 -3.60 -1.20 -25.92
C SER B 405 -2.76 -0.34 -26.84
N ALA B 406 -2.37 -0.85 -28.00
CA ALA B 406 -1.60 -0.04 -28.92
C ALA B 406 -2.48 0.85 -29.78
N LEU B 407 -3.79 0.62 -29.77
CA LEU B 407 -4.71 1.54 -30.44
C LEU B 407 -5.18 2.58 -29.46
N TYR B 408 -5.47 2.15 -28.23
CA TYR B 408 -5.88 3.08 -27.18
C TYR B 408 -4.78 4.05 -26.85
N MET B 409 -3.51 3.60 -26.89
CA MET B 409 -2.41 4.53 -26.73
C MET B 409 -2.29 5.44 -27.94
N ALA B 410 -2.67 4.94 -29.12
CA ALA B 410 -2.49 5.70 -30.35
C ALA B 410 -3.49 6.84 -30.44
N TRP B 411 -4.64 6.70 -29.79
CA TRP B 411 -5.57 7.82 -29.76
C TRP B 411 -5.10 8.93 -28.82
N LEU B 412 -4.34 8.59 -27.78
CA LEU B 412 -4.01 9.56 -26.74
C LEU B 412 -2.94 10.55 -27.16
N ASP B 413 -2.21 10.29 -28.25
CA ASP B 413 -1.22 11.25 -28.73
C ASP B 413 -1.61 11.93 -30.03
N THR B 414 -2.54 11.34 -30.80
CA THR B 414 -3.14 12.09 -31.90
C THR B 414 -4.03 13.20 -31.38
N LEU B 415 -4.60 13.03 -30.19
CA LEU B 415 -5.38 14.09 -29.57
C LEU B 415 -4.49 15.21 -29.05
N SER B 416 -3.21 14.93 -28.80
CA SER B 416 -2.31 15.85 -28.11
C SER B 416 -0.98 15.96 -28.84
N LYS B 417 -1.03 16.24 -30.15
CA LYS B 417 0.17 16.19 -30.96
C LYS B 417 1.07 17.42 -30.77
N ASP B 418 0.56 18.61 -31.11
CA ASP B 418 1.31 19.86 -30.92
C ASP B 418 0.45 20.82 -30.12
N LEU B 419 0.64 20.83 -28.80
CA LEU B 419 -0.20 21.62 -27.93
C LEU B 419 0.60 22.33 -26.85
N PRO B 420 -0.02 23.23 -26.09
CA PRO B 420 0.50 23.63 -24.77
C PRO B 420 0.39 22.50 -23.76
N PRO B 421 0.75 22.71 -22.45
CA PRO B 421 0.62 21.60 -21.47
C PRO B 421 -0.80 21.10 -21.26
N ILE B 422 -1.21 20.20 -22.16
CA ILE B 422 -2.55 19.62 -22.09
C ILE B 422 -2.70 18.73 -20.84
N LEU B 423 -3.95 18.57 -20.39
CA LEU B 423 -4.31 17.73 -19.26
C LEU B 423 -5.51 16.85 -19.63
N LEU B 424 -5.26 15.57 -19.91
CA LEU B 424 -6.30 14.61 -20.23
C LEU B 424 -6.90 14.10 -18.93
N VAL B 425 -8.12 14.51 -18.61
CA VAL B 425 -8.69 14.24 -17.30
C VAL B 425 -10.01 13.49 -17.46
N ARG B 426 -10.24 12.51 -16.58
CA ARG B 426 -11.52 11.81 -16.55
C ARG B 426 -11.83 11.42 -15.12
N GLY B 427 -13.00 11.84 -14.64
CA GLY B 427 -13.43 11.53 -13.29
C GLY B 427 -13.92 10.11 -13.16
N ASN B 428 -14.31 9.75 -11.93
CA ASN B 428 -14.86 8.44 -11.67
C ASN B 428 -16.38 8.45 -11.67
N HIS B 429 -16.99 9.60 -12.01
CA HIS B 429 -18.44 9.87 -12.04
C HIS B 429 -19.19 9.41 -10.80
N GLN B 430 -18.52 9.35 -9.65
CA GLN B 430 -19.17 8.88 -8.44
C GLN B 430 -20.05 9.99 -7.87
N SER B 431 -19.43 11.08 -7.43
CA SER B 431 -20.14 12.27 -7.04
C SER B 431 -19.14 13.42 -7.02
N VAL B 432 -19.58 14.55 -7.54
CA VAL B 432 -18.80 15.78 -7.58
C VAL B 432 -19.85 16.86 -7.44
N LEU B 433 -19.42 18.06 -7.00
CA LEU B 433 -20.13 19.30 -6.66
C LEU B 433 -20.63 19.21 -5.23
N THR B 434 -20.39 18.08 -4.55
CA THR B 434 -20.65 18.02 -3.11
C THR B 434 -19.68 18.96 -2.41
N PHE B 435 -18.45 19.05 -2.94
CA PHE B 435 -17.42 19.99 -2.54
C PHE B 435 -18.00 21.40 -2.60
N TYR B 436 -17.56 22.26 -1.65
CA TYR B 436 -18.17 23.56 -1.28
C TYR B 436 -19.69 23.45 -1.20
N SER B 437 -20.15 22.46 -0.44
CA SER B 437 -21.56 22.23 -0.10
C SER B 437 -22.49 22.08 -1.30
#